data_1VM2
# 
_entry.id   1VM2 
# 
_audit_conform.dict_name       mmcif_pdbx.dic 
_audit_conform.dict_version    5.397 
_audit_conform.dict_location   http://mmcif.pdb.org/dictionaries/ascii/mmcif_pdbx.dic 
# 
loop_
_database_2.database_id 
_database_2.database_code 
_database_2.pdbx_database_accession 
_database_2.pdbx_DOI 
PDB   1VM2         pdb_00001vm2 10.2210/pdb1vm2/pdb 
RCSB  RCSB001998   ?            ?                   
WWPDB D_1000001998 ?            ?                   
# 
loop_
_pdbx_audit_revision_history.ordinal 
_pdbx_audit_revision_history.data_content_type 
_pdbx_audit_revision_history.major_revision 
_pdbx_audit_revision_history.minor_revision 
_pdbx_audit_revision_history.revision_date 
1 'Structure model' 1 0 2004-12-07 
2 'Structure model' 1 1 2008-04-26 
3 'Structure model' 1 2 2011-07-13 
4 'Structure model' 1 3 2022-03-02 
5 'Structure model' 1 4 2023-12-27 
6 'Structure model' 1 5 2024-10-16 
# 
_pdbx_audit_revision_details.ordinal             1 
_pdbx_audit_revision_details.revision_ordinal    1 
_pdbx_audit_revision_details.data_content_type   'Structure model' 
_pdbx_audit_revision_details.provider            repository 
_pdbx_audit_revision_details.type                'Initial release' 
_pdbx_audit_revision_details.description         ? 
_pdbx_audit_revision_details.details             ? 
# 
loop_
_pdbx_audit_revision_group.ordinal 
_pdbx_audit_revision_group.revision_ordinal 
_pdbx_audit_revision_group.data_content_type 
_pdbx_audit_revision_group.group 
1 2 'Structure model' 'Version format compliance' 
2 3 'Structure model' 'Version format compliance' 
3 4 'Structure model' 'Database references'       
4 4 'Structure model' 'Derived calculations'      
5 5 'Structure model' 'Data collection'           
6 6 'Structure model' 'Structure summary'         
# 
loop_
_pdbx_audit_revision_category.ordinal 
_pdbx_audit_revision_category.revision_ordinal 
_pdbx_audit_revision_category.data_content_type 
_pdbx_audit_revision_category.category 
1 4 'Structure model' database_2                
2 4 'Structure model' pdbx_struct_assembly      
3 4 'Structure model' pdbx_struct_oper_list     
4 4 'Structure model' struct_conn               
5 4 'Structure model' struct_site               
6 5 'Structure model' chem_comp_atom            
7 5 'Structure model' chem_comp_bond            
8 6 'Structure model' pdbx_entry_details        
9 6 'Structure model' pdbx_modification_feature 
# 
loop_
_pdbx_audit_revision_item.ordinal 
_pdbx_audit_revision_item.revision_ordinal 
_pdbx_audit_revision_item.data_content_type 
_pdbx_audit_revision_item.item 
1 4 'Structure model' '_database_2.pdbx_DOI'                
2 4 'Structure model' '_database_2.pdbx_database_accession' 
3 4 'Structure model' '_struct_conn.pdbx_leaving_atom_flag' 
4 4 'Structure model' '_struct_site.pdbx_auth_asym_id'      
5 4 'Structure model' '_struct_site.pdbx_auth_comp_id'      
6 4 'Structure model' '_struct_site.pdbx_auth_seq_id'       
# 
_pdbx_database_status.entry_id                        1VM2 
_pdbx_database_status.status_code                     REL 
_pdbx_database_status.deposit_site                    RCSB 
_pdbx_database_status.process_site                    RCSB 
_pdbx_database_status.recvd_initial_deposition_date   2004-08-31 
_pdbx_database_status.status_code_sf                  ? 
_pdbx_database_status.status_code_mr                  REL 
_pdbx_database_status.SG_entry                        ? 
_pdbx_database_status.pdb_format_compatible           Y 
_pdbx_database_status.status_code_cs                  ? 
_pdbx_database_status.status_code_nmr_data            ? 
_pdbx_database_status.methods_development_category    ? 
# 
loop_
_pdbx_database_related.db_name 
_pdbx_database_related.db_id 
_pdbx_database_related.details 
_pdbx_database_related.content_type 
PDB 1O53 'structure of the membrane anchor' unspecified 
PDB 1vm3 .                                  unspecified 
PDB 1vm4 .                                  unspecified 
PDB 1vm5 .                                  unspecified 
# 
loop_
_audit_author.name 
_audit_author.pdbx_ordinal 
'Wang, G.' 1 
'Li, X.'   2 
# 
_citation.id                        primary 
_citation.title                     
;Correlation of Three-dimensional Structures with the Antibacterial Activity of a Group of Peptides Designed Based on a Nontoxic Bacterial Membrane Anchor.
;
_citation.journal_abbrev            J.Biol.Chem. 
_citation.journal_volume            280 
_citation.page_first                5803 
_citation.page_last                 5811 
_citation.year                      2005 
_citation.journal_id_ASTM           JBCHA3 
_citation.country                   US 
_citation.journal_id_ISSN           0021-9258 
_citation.journal_id_CSD            0071 
_citation.book_publisher            ? 
_citation.pdbx_database_id_PubMed   15572363 
_citation.pdbx_database_id_DOI      10.1074/jbc.M410116200 
# 
loop_
_citation_author.citation_id 
_citation_author.name 
_citation_author.ordinal 
_citation_author.identifier_ORCID 
primary 'Wang, G.' 1 ? 
primary 'Li, Y.'   2 ? 
primary 'Li, X.'   3 ? 
# 
_entity.id                         1 
_entity.type                       polymer 
_entity.src_method                 syn 
_entity.pdbx_description           'peptide A2' 
_entity.formula_weight             1468.717 
_entity.pdbx_number_of_molecules   1 
_entity.pdbx_ec                    ? 
_entity.pdbx_mutation              ? 
_entity.pdbx_fragment              ? 
_entity.details                    ? 
# 
_entity_poly.entity_id                      1 
_entity_poly.type                           'polypeptide(L)' 
_entity_poly.nstd_linkage                   no 
_entity_poly.nstd_monomer                   yes 
_entity_poly.pdbx_seq_one_letter_code       'GLFDKLKSLVSDF(NH2)' 
_entity_poly.pdbx_seq_one_letter_code_can   GLFDKLKSLVSDFX 
_entity_poly.pdbx_strand_id                 A 
_entity_poly.pdbx_target_identifier         ? 
# 
loop_
_entity_poly_seq.entity_id 
_entity_poly_seq.num 
_entity_poly_seq.mon_id 
_entity_poly_seq.hetero 
1 1  GLY n 
1 2  LEU n 
1 3  PHE n 
1 4  ASP n 
1 5  LYS n 
1 6  LEU n 
1 7  LYS n 
1 8  SER n 
1 9  LEU n 
1 10 VAL n 
1 11 SER n 
1 12 ASP n 
1 13 PHE n 
1 14 NH2 n 
# 
_pdbx_entity_src_syn.entity_id              1 
_pdbx_entity_src_syn.pdbx_src_id            1 
_pdbx_entity_src_syn.pdbx_alt_source_flag   sample 
_pdbx_entity_src_syn.pdbx_beg_seq_num       ? 
_pdbx_entity_src_syn.pdbx_end_seq_num       ? 
_pdbx_entity_src_syn.organism_scientific    ? 
_pdbx_entity_src_syn.organism_common_name   ? 
_pdbx_entity_src_syn.ncbi_taxonomy_id       ? 
_pdbx_entity_src_syn.details                'The peptide was synthesized using the solid-phase method and purified by HPLC.' 
# 
loop_
_chem_comp.id 
_chem_comp.type 
_chem_comp.mon_nstd_flag 
_chem_comp.name 
_chem_comp.pdbx_synonyms 
_chem_comp.formula 
_chem_comp.formula_weight 
ASP 'L-peptide linking' y 'ASPARTIC ACID' ? 'C4 H7 N O4'     133.103 
GLY 'peptide linking'   y GLYCINE         ? 'C2 H5 N O2'     75.067  
LEU 'L-peptide linking' y LEUCINE         ? 'C6 H13 N O2'    131.173 
LYS 'L-peptide linking' y LYSINE          ? 'C6 H15 N2 O2 1' 147.195 
NH2 non-polymer         . 'AMINO GROUP'   ? 'H2 N'           16.023  
PHE 'L-peptide linking' y PHENYLALANINE   ? 'C9 H11 N O2'    165.189 
SER 'L-peptide linking' y SERINE          ? 'C3 H7 N O3'     105.093 
VAL 'L-peptide linking' y VALINE          ? 'C5 H11 N O2'    117.146 
# 
loop_
_pdbx_poly_seq_scheme.asym_id 
_pdbx_poly_seq_scheme.entity_id 
_pdbx_poly_seq_scheme.seq_id 
_pdbx_poly_seq_scheme.mon_id 
_pdbx_poly_seq_scheme.ndb_seq_num 
_pdbx_poly_seq_scheme.pdb_seq_num 
_pdbx_poly_seq_scheme.auth_seq_num 
_pdbx_poly_seq_scheme.pdb_mon_id 
_pdbx_poly_seq_scheme.auth_mon_id 
_pdbx_poly_seq_scheme.pdb_strand_id 
_pdbx_poly_seq_scheme.pdb_ins_code 
_pdbx_poly_seq_scheme.hetero 
A 1 1  GLY 1  1  1  GLY GLY A . n 
A 1 2  LEU 2  2  2  LEU LEU A . n 
A 1 3  PHE 3  3  3  PHE PHE A . n 
A 1 4  ASP 4  4  4  ASP ASP A . n 
A 1 5  LYS 5  5  5  LYS LYS A . n 
A 1 6  LEU 6  6  6  LEU LEU A . n 
A 1 7  LYS 7  7  7  LYS LYS A . n 
A 1 8  SER 8  8  8  SER SER A . n 
A 1 9  LEU 9  9  9  LEU LEU A . n 
A 1 10 VAL 10 10 10 VAL VAL A . n 
A 1 11 SER 11 11 11 SER SER A . n 
A 1 12 ASP 12 12 12 ASP ASP A . n 
A 1 13 PHE 13 13 13 PHE PHE A . n 
A 1 14 NH2 14 14 14 NH2 NH2 A . n 
# 
_cell.entry_id           1VM2 
_cell.length_a           1.000 
_cell.length_b           1.000 
_cell.length_c           1.000 
_cell.angle_alpha        90.00 
_cell.angle_beta         90.00 
_cell.angle_gamma        90.00 
_cell.Z_PDB              1 
_cell.pdbx_unique_axis   ? 
# 
_symmetry.entry_id                         1VM2 
_symmetry.space_group_name_H-M             'P 1' 
_symmetry.pdbx_full_space_group_name_H-M   ? 
_symmetry.cell_setting                     ? 
_symmetry.Int_Tables_number                1 
# 
_exptl.entry_id          1VM2 
_exptl.method            'SOLUTION NMR' 
_exptl.crystals_number   ? 
# 
_struct.entry_id                  1VM2 
_struct.title                     
'Solution structure of an anticancer peptide designed based on the N-terminal sequence of E. coli enzyme IIA (Glucose)' 
_struct.pdbx_model_details        ? 
_struct.pdbx_CASP_flag            ? 
_struct.pdbx_model_type_details   ? 
# 
_struct_keywords.entry_id        1VM2 
_struct_keywords.pdbx_keywords   ANTIBIOTIC 
_struct_keywords.text            
'ANTIMICROBIAL PEPTIDE, BACTERIAL MEMBRANE ANCHOR, AMPHIPATHIC HELIX, ANTI-TUMOR PEPTIDE, ANTIBIOTIC' 
# 
_struct_asym.id                            A 
_struct_asym.pdbx_blank_PDB_chainid_flag   N 
_struct_asym.pdbx_modified                 N 
_struct_asym.entity_id                     1 
_struct_asym.details                       ? 
# 
_struct_ref.id                         1 
_struct_ref.entity_id                  1 
_struct_ref.db_name                    PDB 
_struct_ref.db_code                    1VM2 
_struct_ref.pdbx_db_accession          1VM2 
_struct_ref.pdbx_db_isoform            ? 
_struct_ref.pdbx_seq_one_letter_code   ? 
_struct_ref.pdbx_align_begin           ? 
# 
_struct_ref_seq.align_id                      1 
_struct_ref_seq.ref_id                        1 
_struct_ref_seq.pdbx_PDB_id_code              1VM2 
_struct_ref_seq.pdbx_strand_id                A 
_struct_ref_seq.seq_align_beg                 1 
_struct_ref_seq.pdbx_seq_align_beg_ins_code   ? 
_struct_ref_seq.seq_align_end                 14 
_struct_ref_seq.pdbx_seq_align_end_ins_code   ? 
_struct_ref_seq.pdbx_db_accession             1VM2 
_struct_ref_seq.db_align_beg                  1 
_struct_ref_seq.pdbx_db_align_beg_ins_code    ? 
_struct_ref_seq.db_align_end                  14 
_struct_ref_seq.pdbx_db_align_end_ins_code    ? 
_struct_ref_seq.pdbx_auth_seq_align_beg       1 
_struct_ref_seq.pdbx_auth_seq_align_end       14 
# 
_pdbx_struct_assembly.id                   1 
_pdbx_struct_assembly.details              author_defined_assembly 
_pdbx_struct_assembly.method_details       ? 
_pdbx_struct_assembly.oligomeric_details   monomeric 
_pdbx_struct_assembly.oligomeric_count     1 
# 
_pdbx_struct_assembly_gen.assembly_id       1 
_pdbx_struct_assembly_gen.oper_expression   1 
_pdbx_struct_assembly_gen.asym_id_list      A 
# 
_pdbx_struct_oper_list.id                   1 
_pdbx_struct_oper_list.type                 'identity operation' 
_pdbx_struct_oper_list.name                 1_555 
_pdbx_struct_oper_list.symmetry_operation   x,y,z 
_pdbx_struct_oper_list.matrix[1][1]         1.0000000000 
_pdbx_struct_oper_list.matrix[1][2]         0.0000000000 
_pdbx_struct_oper_list.matrix[1][3]         0.0000000000 
_pdbx_struct_oper_list.vector[1]            0.0000000000 
_pdbx_struct_oper_list.matrix[2][1]         0.0000000000 
_pdbx_struct_oper_list.matrix[2][2]         1.0000000000 
_pdbx_struct_oper_list.matrix[2][3]         0.0000000000 
_pdbx_struct_oper_list.vector[2]            0.0000000000 
_pdbx_struct_oper_list.matrix[3][1]         0.0000000000 
_pdbx_struct_oper_list.matrix[3][2]         0.0000000000 
_pdbx_struct_oper_list.matrix[3][3]         1.0000000000 
_pdbx_struct_oper_list.vector[3]            0.0000000000 
# 
_struct_biol.id   1 
# 
_struct_conf.conf_type_id            HELX_P 
_struct_conf.id                      HELX_P1 
_struct_conf.pdbx_PDB_helix_id       1 
_struct_conf.beg_label_comp_id       LEU 
_struct_conf.beg_label_asym_id       A 
_struct_conf.beg_label_seq_id        2 
_struct_conf.pdbx_beg_PDB_ins_code   ? 
_struct_conf.end_label_comp_id       PHE 
_struct_conf.end_label_asym_id       A 
_struct_conf.end_label_seq_id        13 
_struct_conf.pdbx_end_PDB_ins_code   ? 
_struct_conf.beg_auth_comp_id        LEU 
_struct_conf.beg_auth_asym_id        A 
_struct_conf.beg_auth_seq_id         2 
_struct_conf.end_auth_comp_id        PHE 
_struct_conf.end_auth_asym_id        A 
_struct_conf.end_auth_seq_id         13 
_struct_conf.pdbx_PDB_helix_class    1 
_struct_conf.details                 ? 
_struct_conf.pdbx_PDB_helix_length   12 
# 
_struct_conf_type.id          HELX_P 
_struct_conf_type.criteria    ? 
_struct_conf_type.reference   ? 
# 
_struct_conn.id                            covale1 
_struct_conn.conn_type_id                  covale 
_struct_conn.pdbx_leaving_atom_flag        both 
_struct_conn.pdbx_PDB_id                   ? 
_struct_conn.ptnr1_label_asym_id           A 
_struct_conn.ptnr1_label_comp_id           PHE 
_struct_conn.ptnr1_label_seq_id            13 
_struct_conn.ptnr1_label_atom_id           C 
_struct_conn.pdbx_ptnr1_label_alt_id       ? 
_struct_conn.pdbx_ptnr1_PDB_ins_code       ? 
_struct_conn.pdbx_ptnr1_standard_comp_id   ? 
_struct_conn.ptnr1_symmetry                1_555 
_struct_conn.ptnr2_label_asym_id           A 
_struct_conn.ptnr2_label_comp_id           NH2 
_struct_conn.ptnr2_label_seq_id            14 
_struct_conn.ptnr2_label_atom_id           N 
_struct_conn.pdbx_ptnr2_label_alt_id       ? 
_struct_conn.pdbx_ptnr2_PDB_ins_code       ? 
_struct_conn.ptnr1_auth_asym_id            A 
_struct_conn.ptnr1_auth_comp_id            PHE 
_struct_conn.ptnr1_auth_seq_id             13 
_struct_conn.ptnr2_auth_asym_id            A 
_struct_conn.ptnr2_auth_comp_id            NH2 
_struct_conn.ptnr2_auth_seq_id             14 
_struct_conn.ptnr2_symmetry                1_555 
_struct_conn.pdbx_ptnr3_label_atom_id      ? 
_struct_conn.pdbx_ptnr3_label_seq_id       ? 
_struct_conn.pdbx_ptnr3_label_comp_id      ? 
_struct_conn.pdbx_ptnr3_label_asym_id      ? 
_struct_conn.pdbx_ptnr3_label_alt_id       ? 
_struct_conn.pdbx_ptnr3_PDB_ins_code       ? 
_struct_conn.details                       ? 
_struct_conn.pdbx_dist_value               1.305 
_struct_conn.pdbx_value_order              ? 
_struct_conn.pdbx_role                     ? 
# 
_struct_conn_type.id          covale 
_struct_conn_type.criteria    ? 
_struct_conn_type.reference   ? 
# 
_pdbx_modification_feature.ordinal                            1 
_pdbx_modification_feature.label_comp_id                      NH2 
_pdbx_modification_feature.label_asym_id                      A 
_pdbx_modification_feature.label_seq_id                       14 
_pdbx_modification_feature.label_alt_id                       ? 
_pdbx_modification_feature.modified_residue_label_comp_id     PHE 
_pdbx_modification_feature.modified_residue_label_asym_id     A 
_pdbx_modification_feature.modified_residue_label_seq_id      13 
_pdbx_modification_feature.modified_residue_label_alt_id      ? 
_pdbx_modification_feature.auth_comp_id                       NH2 
_pdbx_modification_feature.auth_asym_id                       A 
_pdbx_modification_feature.auth_seq_id                        14 
_pdbx_modification_feature.PDB_ins_code                       ? 
_pdbx_modification_feature.symmetry                           1_555 
_pdbx_modification_feature.modified_residue_auth_comp_id      PHE 
_pdbx_modification_feature.modified_residue_auth_asym_id      A 
_pdbx_modification_feature.modified_residue_auth_seq_id       13 
_pdbx_modification_feature.modified_residue_PDB_ins_code      ? 
_pdbx_modification_feature.modified_residue_symmetry          1_555 
_pdbx_modification_feature.comp_id_linking_atom               . 
_pdbx_modification_feature.modified_residue_id_linking_atom   . 
_pdbx_modification_feature.modified_residue_id                PHE 
_pdbx_modification_feature.ref_pcm_id                         15 
_pdbx_modification_feature.ref_comp_id                        NH2 
_pdbx_modification_feature.type                               None 
_pdbx_modification_feature.category                           'Terminal amidation' 
# 
_struct_site.id                   AC1 
_struct_site.pdbx_evidence_code   Software 
_struct_site.pdbx_auth_asym_id    A 
_struct_site.pdbx_auth_comp_id    NH2 
_struct_site.pdbx_auth_seq_id     14 
_struct_site.pdbx_auth_ins_code   ? 
_struct_site.pdbx_num_residues    2 
_struct_site.details              'BINDING SITE FOR RESIDUE NH2 A 14' 
# 
loop_
_struct_site_gen.id 
_struct_site_gen.site_id 
_struct_site_gen.pdbx_num_res 
_struct_site_gen.label_comp_id 
_struct_site_gen.label_asym_id 
_struct_site_gen.label_seq_id 
_struct_site_gen.pdbx_auth_ins_code 
_struct_site_gen.auth_comp_id 
_struct_site_gen.auth_asym_id 
_struct_site_gen.auth_seq_id 
_struct_site_gen.label_atom_id 
_struct_site_gen.label_alt_id 
_struct_site_gen.symmetry 
_struct_site_gen.details 
1 AC1 2 VAL A 10 ? VAL A 10 . ? 1_555 ? 
2 AC1 2 PHE A 13 ? PHE A 13 . ? 1_555 ? 
# 
_pdbx_entry_details.entry_id                   1VM2 
_pdbx_entry_details.compound_details           ? 
_pdbx_entry_details.source_details             ? 
_pdbx_entry_details.nonpolymer_details         ? 
_pdbx_entry_details.sequence_details           ? 
_pdbx_entry_details.has_ligand_of_interest     ? 
_pdbx_entry_details.has_protein_modification   Y 
# 
loop_
_pdbx_validate_close_contact.id 
_pdbx_validate_close_contact.PDB_model_num 
_pdbx_validate_close_contact.auth_atom_id_1 
_pdbx_validate_close_contact.auth_asym_id_1 
_pdbx_validate_close_contact.auth_comp_id_1 
_pdbx_validate_close_contact.auth_seq_id_1 
_pdbx_validate_close_contact.PDB_ins_code_1 
_pdbx_validate_close_contact.label_alt_id_1 
_pdbx_validate_close_contact.auth_atom_id_2 
_pdbx_validate_close_contact.auth_asym_id_2 
_pdbx_validate_close_contact.auth_comp_id_2 
_pdbx_validate_close_contact.auth_seq_id_2 
_pdbx_validate_close_contact.PDB_ins_code_2 
_pdbx_validate_close_contact.label_alt_id_2 
_pdbx_validate_close_contact.dist 
1 1 O A LEU 2 ? ? H A LYS 5 ? ? 1.57 
2 4 O A PHE 3 ? ? H A LYS 7 ? ? 1.60 
# 
_pdbx_validate_torsion.id              1 
_pdbx_validate_torsion.PDB_model_num   3 
_pdbx_validate_torsion.auth_comp_id    ASP 
_pdbx_validate_torsion.auth_asym_id    A 
_pdbx_validate_torsion.auth_seq_id     12 
_pdbx_validate_torsion.PDB_ins_code    ? 
_pdbx_validate_torsion.label_alt_id    ? 
_pdbx_validate_torsion.phi             -82.20 
_pdbx_validate_torsion.psi             -73.01 
# 
_pdbx_nmr_ensemble.conformers_calculated_total_number            100 
_pdbx_nmr_ensemble.conformers_submitted_total_number             5 
_pdbx_nmr_ensemble.conformer_selection_criteria                  
;No NOE violations greater than 0.50 A,
rms difference for bond deviations from ideality less than 0.01 A,
rms difference for angle deviations from ideality less than 5 degrees,
Structures with the lowerest energies in the ensemble
;
_pdbx_nmr_ensemble.entry_id                                      1VM2 
_pdbx_nmr_ensemble.average_constraints_per_residue               ? 
_pdbx_nmr_ensemble.average_constraint_violations_per_residue     ? 
_pdbx_nmr_ensemble.maximum_distance_constraint_violation         ? 
_pdbx_nmr_ensemble.average_distance_constraint_violation         ? 
_pdbx_nmr_ensemble.maximum_upper_distance_constraint_violation   ? 
_pdbx_nmr_ensemble.maximum_lower_distance_constraint_violation   ? 
_pdbx_nmr_ensemble.distance_constraint_violation_method          ? 
_pdbx_nmr_ensemble.maximum_torsion_angle_constraint_violation    ? 
_pdbx_nmr_ensemble.average_torsion_angle_constraint_violation    ? 
_pdbx_nmr_ensemble.torsion_angle_constraint_violation_method     ? 
# 
_pdbx_nmr_representative.conformer_id         1 
_pdbx_nmr_representative.selection_criteria   'most resemble the average structure' 
_pdbx_nmr_representative.entry_id             1VM2 
# 
_pdbx_nmr_sample_details.solution_id      1 
_pdbx_nmr_sample_details.contents         '2mM peptide, 80mM sodium dodecylsulfate, 90% H2O, 10% D2O' 
_pdbx_nmr_sample_details.solvent_system   '90% H2O/10% D2O' 
# 
_pdbx_nmr_exptl_sample_conditions.conditions_id       1 
_pdbx_nmr_exptl_sample_conditions.temperature         298 
_pdbx_nmr_exptl_sample_conditions.pressure            ambient 
_pdbx_nmr_exptl_sample_conditions.pH                  5.4 
_pdbx_nmr_exptl_sample_conditions.ionic_strength      ? 
_pdbx_nmr_exptl_sample_conditions.pressure_units      ? 
_pdbx_nmr_exptl_sample_conditions.temperature_units   K 
# 
loop_
_pdbx_nmr_exptl.experiment_id 
_pdbx_nmr_exptl.solution_id 
_pdbx_nmr_exptl.conditions_id 
_pdbx_nmr_exptl.type 
1 1 1 '2D NOESY'     
2 1 1 TOCSY          
3 1 1 DQF-COSY       
4 1 1 ROESY          
5 1 1 '(1H,15N)HSQC' 
6 1 1 '(1H,13C)HSQC' 
# 
_pdbx_nmr_details.text       
;This structure was determined using standard 2D homonuclear NMR techniques, plus the use of backbone angle restraints derived from a set of heteronuclear chemical shifts measured on the natural abundance peptide bound to micelles.
;
_pdbx_nmr_details.entry_id   1VM2 
# 
_pdbx_nmr_refine.method             'simulated annealing' 
_pdbx_nmr_refine.details            
;The structures are based on 124 distances derived from the NOESY spectra, 20 backbone dihedral angles derived from a set of chemical shifts using the NMR program TALOS, and 4 chi1 angle restraints.
;
_pdbx_nmr_refine.entry_id           1VM2 
_pdbx_nmr_refine.software_ordinal   1 
# 
loop_
_pdbx_nmr_software.name 
_pdbx_nmr_software.version 
_pdbx_nmr_software.classification 
_pdbx_nmr_software.authors 
_pdbx_nmr_software.ordinal 
NMRPipe/nmrDraw 2.1  'data processing'                 'Delaglio, F.'                                             1 
PIPP            1.0  'noe picking'                     'Garrett, D.'                                              2 
XPLOR-NIH       1.06 refinement                        'Schwieters, C.D., Kuszewski, J., Tjandra, N, Clore, G.M.' 3 
MOLMOL          2K.1 'structural analysis and viewing' 'Koradi, R.'                                               4 
# 
loop_
_chem_comp_atom.comp_id 
_chem_comp_atom.atom_id 
_chem_comp_atom.type_symbol 
_chem_comp_atom.pdbx_aromatic_flag 
_chem_comp_atom.pdbx_stereo_config 
_chem_comp_atom.pdbx_ordinal 
ASP N    N N N 1   
ASP CA   C N S 2   
ASP C    C N N 3   
ASP O    O N N 4   
ASP CB   C N N 5   
ASP CG   C N N 6   
ASP OD1  O N N 7   
ASP OD2  O N N 8   
ASP OXT  O N N 9   
ASP H    H N N 10  
ASP H2   H N N 11  
ASP HA   H N N 12  
ASP HB2  H N N 13  
ASP HB3  H N N 14  
ASP HD2  H N N 15  
ASP HXT  H N N 16  
GLY N    N N N 17  
GLY CA   C N N 18  
GLY C    C N N 19  
GLY O    O N N 20  
GLY OXT  O N N 21  
GLY H    H N N 22  
GLY H2   H N N 23  
GLY HA2  H N N 24  
GLY HA3  H N N 25  
GLY HXT  H N N 26  
LEU N    N N N 27  
LEU CA   C N S 28  
LEU C    C N N 29  
LEU O    O N N 30  
LEU CB   C N N 31  
LEU CG   C N N 32  
LEU CD1  C N N 33  
LEU CD2  C N N 34  
LEU OXT  O N N 35  
LEU H    H N N 36  
LEU H2   H N N 37  
LEU HA   H N N 38  
LEU HB2  H N N 39  
LEU HB3  H N N 40  
LEU HG   H N N 41  
LEU HD11 H N N 42  
LEU HD12 H N N 43  
LEU HD13 H N N 44  
LEU HD21 H N N 45  
LEU HD22 H N N 46  
LEU HD23 H N N 47  
LEU HXT  H N N 48  
LYS N    N N N 49  
LYS CA   C N S 50  
LYS C    C N N 51  
LYS O    O N N 52  
LYS CB   C N N 53  
LYS CG   C N N 54  
LYS CD   C N N 55  
LYS CE   C N N 56  
LYS NZ   N N N 57  
LYS OXT  O N N 58  
LYS H    H N N 59  
LYS H2   H N N 60  
LYS HA   H N N 61  
LYS HB2  H N N 62  
LYS HB3  H N N 63  
LYS HG2  H N N 64  
LYS HG3  H N N 65  
LYS HD2  H N N 66  
LYS HD3  H N N 67  
LYS HE2  H N N 68  
LYS HE3  H N N 69  
LYS HZ1  H N N 70  
LYS HZ2  H N N 71  
LYS HZ3  H N N 72  
LYS HXT  H N N 73  
NH2 N    N N N 74  
NH2 HN1  H N N 75  
NH2 HN2  H N N 76  
PHE N    N N N 77  
PHE CA   C N S 78  
PHE C    C N N 79  
PHE O    O N N 80  
PHE CB   C N N 81  
PHE CG   C Y N 82  
PHE CD1  C Y N 83  
PHE CD2  C Y N 84  
PHE CE1  C Y N 85  
PHE CE2  C Y N 86  
PHE CZ   C Y N 87  
PHE OXT  O N N 88  
PHE H    H N N 89  
PHE H2   H N N 90  
PHE HA   H N N 91  
PHE HB2  H N N 92  
PHE HB3  H N N 93  
PHE HD1  H N N 94  
PHE HD2  H N N 95  
PHE HE1  H N N 96  
PHE HE2  H N N 97  
PHE HZ   H N N 98  
PHE HXT  H N N 99  
SER N    N N N 100 
SER CA   C N S 101 
SER C    C N N 102 
SER O    O N N 103 
SER CB   C N N 104 
SER OG   O N N 105 
SER OXT  O N N 106 
SER H    H N N 107 
SER H2   H N N 108 
SER HA   H N N 109 
SER HB2  H N N 110 
SER HB3  H N N 111 
SER HG   H N N 112 
SER HXT  H N N 113 
VAL N    N N N 114 
VAL CA   C N S 115 
VAL C    C N N 116 
VAL O    O N N 117 
VAL CB   C N N 118 
VAL CG1  C N N 119 
VAL CG2  C N N 120 
VAL OXT  O N N 121 
VAL H    H N N 122 
VAL H2   H N N 123 
VAL HA   H N N 124 
VAL HB   H N N 125 
VAL HG11 H N N 126 
VAL HG12 H N N 127 
VAL HG13 H N N 128 
VAL HG21 H N N 129 
VAL HG22 H N N 130 
VAL HG23 H N N 131 
VAL HXT  H N N 132 
# 
loop_
_chem_comp_bond.comp_id 
_chem_comp_bond.atom_id_1 
_chem_comp_bond.atom_id_2 
_chem_comp_bond.value_order 
_chem_comp_bond.pdbx_aromatic_flag 
_chem_comp_bond.pdbx_stereo_config 
_chem_comp_bond.pdbx_ordinal 
ASP N   CA   sing N N 1   
ASP N   H    sing N N 2   
ASP N   H2   sing N N 3   
ASP CA  C    sing N N 4   
ASP CA  CB   sing N N 5   
ASP CA  HA   sing N N 6   
ASP C   O    doub N N 7   
ASP C   OXT  sing N N 8   
ASP CB  CG   sing N N 9   
ASP CB  HB2  sing N N 10  
ASP CB  HB3  sing N N 11  
ASP CG  OD1  doub N N 12  
ASP CG  OD2  sing N N 13  
ASP OD2 HD2  sing N N 14  
ASP OXT HXT  sing N N 15  
GLY N   CA   sing N N 16  
GLY N   H    sing N N 17  
GLY N   H2   sing N N 18  
GLY CA  C    sing N N 19  
GLY CA  HA2  sing N N 20  
GLY CA  HA3  sing N N 21  
GLY C   O    doub N N 22  
GLY C   OXT  sing N N 23  
GLY OXT HXT  sing N N 24  
LEU N   CA   sing N N 25  
LEU N   H    sing N N 26  
LEU N   H2   sing N N 27  
LEU CA  C    sing N N 28  
LEU CA  CB   sing N N 29  
LEU CA  HA   sing N N 30  
LEU C   O    doub N N 31  
LEU C   OXT  sing N N 32  
LEU CB  CG   sing N N 33  
LEU CB  HB2  sing N N 34  
LEU CB  HB3  sing N N 35  
LEU CG  CD1  sing N N 36  
LEU CG  CD2  sing N N 37  
LEU CG  HG   sing N N 38  
LEU CD1 HD11 sing N N 39  
LEU CD1 HD12 sing N N 40  
LEU CD1 HD13 sing N N 41  
LEU CD2 HD21 sing N N 42  
LEU CD2 HD22 sing N N 43  
LEU CD2 HD23 sing N N 44  
LEU OXT HXT  sing N N 45  
LYS N   CA   sing N N 46  
LYS N   H    sing N N 47  
LYS N   H2   sing N N 48  
LYS CA  C    sing N N 49  
LYS CA  CB   sing N N 50  
LYS CA  HA   sing N N 51  
LYS C   O    doub N N 52  
LYS C   OXT  sing N N 53  
LYS CB  CG   sing N N 54  
LYS CB  HB2  sing N N 55  
LYS CB  HB3  sing N N 56  
LYS CG  CD   sing N N 57  
LYS CG  HG2  sing N N 58  
LYS CG  HG3  sing N N 59  
LYS CD  CE   sing N N 60  
LYS CD  HD2  sing N N 61  
LYS CD  HD3  sing N N 62  
LYS CE  NZ   sing N N 63  
LYS CE  HE2  sing N N 64  
LYS CE  HE3  sing N N 65  
LYS NZ  HZ1  sing N N 66  
LYS NZ  HZ2  sing N N 67  
LYS NZ  HZ3  sing N N 68  
LYS OXT HXT  sing N N 69  
NH2 N   HN1  sing N N 70  
NH2 N   HN2  sing N N 71  
PHE N   CA   sing N N 72  
PHE N   H    sing N N 73  
PHE N   H2   sing N N 74  
PHE CA  C    sing N N 75  
PHE CA  CB   sing N N 76  
PHE CA  HA   sing N N 77  
PHE C   O    doub N N 78  
PHE C   OXT  sing N N 79  
PHE CB  CG   sing N N 80  
PHE CB  HB2  sing N N 81  
PHE CB  HB3  sing N N 82  
PHE CG  CD1  doub Y N 83  
PHE CG  CD2  sing Y N 84  
PHE CD1 CE1  sing Y N 85  
PHE CD1 HD1  sing N N 86  
PHE CD2 CE2  doub Y N 87  
PHE CD2 HD2  sing N N 88  
PHE CE1 CZ   doub Y N 89  
PHE CE1 HE1  sing N N 90  
PHE CE2 CZ   sing Y N 91  
PHE CE2 HE2  sing N N 92  
PHE CZ  HZ   sing N N 93  
PHE OXT HXT  sing N N 94  
SER N   CA   sing N N 95  
SER N   H    sing N N 96  
SER N   H2   sing N N 97  
SER CA  C    sing N N 98  
SER CA  CB   sing N N 99  
SER CA  HA   sing N N 100 
SER C   O    doub N N 101 
SER C   OXT  sing N N 102 
SER CB  OG   sing N N 103 
SER CB  HB2  sing N N 104 
SER CB  HB3  sing N N 105 
SER OG  HG   sing N N 106 
SER OXT HXT  sing N N 107 
VAL N   CA   sing N N 108 
VAL N   H    sing N N 109 
VAL N   H2   sing N N 110 
VAL CA  C    sing N N 111 
VAL CA  CB   sing N N 112 
VAL CA  HA   sing N N 113 
VAL C   O    doub N N 114 
VAL C   OXT  sing N N 115 
VAL CB  CG1  sing N N 116 
VAL CB  CG2  sing N N 117 
VAL CB  HB   sing N N 118 
VAL CG1 HG11 sing N N 119 
VAL CG1 HG12 sing N N 120 
VAL CG1 HG13 sing N N 121 
VAL CG2 HG21 sing N N 122 
VAL CG2 HG22 sing N N 123 
VAL CG2 HG23 sing N N 124 
VAL OXT HXT  sing N N 125 
# 
_pdbx_nmr_spectrometer.spectrometer_id   1 
_pdbx_nmr_spectrometer.manufacturer      Varian 
_pdbx_nmr_spectrometer.model             INOVA 
_pdbx_nmr_spectrometer.field_strength    600 
_pdbx_nmr_spectrometer.type              ? 
# 
_atom_sites.entry_id                    1VM2 
_atom_sites.fract_transf_matrix[1][1]   1.000000 
_atom_sites.fract_transf_matrix[1][2]   0.000000 
_atom_sites.fract_transf_matrix[1][3]   0.000000 
_atom_sites.fract_transf_matrix[2][1]   0.000000 
_atom_sites.fract_transf_matrix[2][2]   1.000000 
_atom_sites.fract_transf_matrix[2][3]   0.000000 
_atom_sites.fract_transf_matrix[3][1]   0.000000 
_atom_sites.fract_transf_matrix[3][2]   0.000000 
_atom_sites.fract_transf_matrix[3][3]   1.000000 
_atom_sites.fract_transf_vector[1]      0.00000 
_atom_sites.fract_transf_vector[2]      0.00000 
_atom_sites.fract_transf_vector[3]      0.00000 
# 
loop_
_atom_type.symbol 
C 
H 
N 
O 
# 
loop_
_atom_site.group_PDB 
_atom_site.id 
_atom_site.type_symbol 
_atom_site.label_atom_id 
_atom_site.label_alt_id 
_atom_site.label_comp_id 
_atom_site.label_asym_id 
_atom_site.label_entity_id 
_atom_site.label_seq_id 
_atom_site.pdbx_PDB_ins_code 
_atom_site.Cartn_x 
_atom_site.Cartn_y 
_atom_site.Cartn_z 
_atom_site.occupancy 
_atom_site.B_iso_or_equiv 
_atom_site.pdbx_formal_charge 
_atom_site.auth_seq_id 
_atom_site.auth_comp_id 
_atom_site.auth_asym_id 
_atom_site.auth_atom_id 
_atom_site.pdbx_PDB_model_num 
ATOM   1    N N    . GLY A 1 1  ? 9.349   0.791  2.381   1.00 0.00 ? 1  GLY A N    1 
ATOM   2    C CA   . GLY A 1 1  ? 9.815   1.603  1.222   1.00 0.00 ? 1  GLY A CA   1 
ATOM   3    C C    . GLY A 1 1  ? 8.711   1.674  0.173   1.00 0.00 ? 1  GLY A C    1 
ATOM   4    O O    . GLY A 1 1  ? 7.659   2.271  0.405   1.00 0.00 ? 1  GLY A O    1 
ATOM   5    H H1   . GLY A 1 1  ? 9.257   1.402  3.219   1.00 0.00 ? 1  GLY A H1   1 
ATOM   6    H H2   . GLY A 1 1  ? 10.039  0.037  2.577   1.00 0.00 ? 1  GLY A H2   1 
ATOM   7    H H3   . GLY A 1 1  ? 8.425   0.369  2.160   1.00 0.00 ? 1  GLY A H3   1 
ATOM   8    H HA2  . GLY A 1 1  ? 10.061  2.602  1.557   1.00 0.00 ? 1  GLY A HA2  1 
ATOM   9    H HA3  . GLY A 1 1  ? 10.690  1.144  0.789   1.00 0.00 ? 1  GLY A HA3  1 
ATOM   10   N N    . LEU A 1 2  ? 8.958   1.064  -0.981  1.00 0.00 ? 2  LEU A N    1 
ATOM   11   C CA   . LEU A 1 2  ? 7.977   1.065  -2.060  1.00 0.00 ? 2  LEU A CA   1 
ATOM   12   C C    . LEU A 1 2  ? 6.886   0.034  -1.791  1.00 0.00 ? 2  LEU A C    1 
ATOM   13   O O    . LEU A 1 2  ? 5.697   0.351  -1.814  1.00 0.00 ? 2  LEU A O    1 
ATOM   14   C CB   . LEU A 1 2  ? 8.666   0.749  -3.392  1.00 0.00 ? 2  LEU A CB   1 
ATOM   15   C CG   . LEU A 1 2  ? 7.794   1.232  -4.560  1.00 0.00 ? 2  LEU A CG   1 
ATOM   16   C CD1  . LEU A 1 2  ? 8.093   2.704  -4.858  1.00 0.00 ? 2  LEU A CD1  1 
ATOM   17   C CD2  . LEU A 1 2  ? 8.097   0.394  -5.805  1.00 0.00 ? 2  LEU A CD2  1 
ATOM   18   H H    . LEU A 1 2  ? 9.815   0.604  -1.109  1.00 0.00 ? 2  LEU A H    1 
ATOM   19   H HA   . LEU A 1 2  ? 7.527   2.041  -2.122  1.00 0.00 ? 2  LEU A HA   1 
ATOM   20   H HB2  . LEU A 1 2  ? 9.625   1.245  -3.425  1.00 0.00 ? 2  LEU A HB2  1 
ATOM   21   H HB3  . LEU A 1 2  ? 8.814   -0.318 -3.473  1.00 0.00 ? 2  LEU A HB3  1 
ATOM   22   H HG   . LEU A 1 2  ? 6.750   1.124  -4.299  1.00 0.00 ? 2  LEU A HG   1 
ATOM   23   H HD11 . LEU A 1 2  ? 7.514   3.021  -5.713  1.00 0.00 ? 2  LEU A HD11 1 
ATOM   24   H HD12 . LEU A 1 2  ? 9.144   2.821  -5.072  1.00 0.00 ? 2  LEU A HD12 1 
ATOM   25   H HD13 . LEU A 1 2  ? 7.829   3.307  -4.003  1.00 0.00 ? 2  LEU A HD13 1 
ATOM   26   H HD21 . LEU A 1 2  ? 7.641   0.854  -6.670  1.00 0.00 ? 2  LEU A HD21 1 
ATOM   27   H HD22 . LEU A 1 2  ? 7.700   -0.602 -5.675  1.00 0.00 ? 2  LEU A HD22 1 
ATOM   28   H HD23 . LEU A 1 2  ? 9.167   0.339  -5.950  1.00 0.00 ? 2  LEU A HD23 1 
ATOM   29   N N    . PHE A 1 3  ? 7.303   -1.199 -1.540  1.00 0.00 ? 3  PHE A N    1 
ATOM   30   C CA   . PHE A 1 3  ? 6.358   -2.275 -1.268  1.00 0.00 ? 3  PHE A CA   1 
ATOM   31   C C    . PHE A 1 3  ? 5.373   -1.861 -0.179  1.00 0.00 ? 3  PHE A C    1 
ATOM   32   O O    . PHE A 1 3  ? 4.308   -2.460 -0.030  1.00 0.00 ? 3  PHE A O    1 
ATOM   33   C CB   . PHE A 1 3  ? 7.112   -3.535 -0.831  1.00 0.00 ? 3  PHE A CB   1 
ATOM   34   C CG   . PHE A 1 3  ? 6.251   -4.753 -1.067  1.00 0.00 ? 3  PHE A CG   1 
ATOM   35   C CD1  . PHE A 1 3  ? 6.202   -5.340 -2.338  1.00 0.00 ? 3  PHE A CD1  1 
ATOM   36   C CD2  . PHE A 1 3  ? 5.503   -5.298 -0.017  1.00 0.00 ? 3  PHE A CD2  1 
ATOM   37   C CE1  . PHE A 1 3  ? 5.406   -6.470 -2.558  1.00 0.00 ? 3  PHE A CE1  1 
ATOM   38   C CE2  . PHE A 1 3  ? 4.706   -6.429 -0.237  1.00 0.00 ? 3  PHE A CE2  1 
ATOM   39   C CZ   . PHE A 1 3  ? 4.659   -7.015 -1.508  1.00 0.00 ? 3  PHE A CZ   1 
ATOM   40   H H    . PHE A 1 3  ? 8.264   -1.387 -1.537  1.00 0.00 ? 3  PHE A H    1 
ATOM   41   H HA   . PHE A 1 3  ? 5.808   -2.492 -2.171  1.00 0.00 ? 3  PHE A HA   1 
ATOM   42   H HB2  . PHE A 1 3  ? 8.024   -3.624 -1.404  1.00 0.00 ? 3  PHE A HB2  1 
ATOM   43   H HB3  . PHE A 1 3  ? 7.354   -3.465 0.219   1.00 0.00 ? 3  PHE A HB3  1 
ATOM   44   H HD1  . PHE A 1 3  ? 6.778   -4.919 -3.149  1.00 0.00 ? 3  PHE A HD1  1 
ATOM   45   H HD2  . PHE A 1 3  ? 5.539   -4.846 0.964   1.00 0.00 ? 3  PHE A HD2  1 
ATOM   46   H HE1  . PHE A 1 3  ? 5.369   -6.922 -3.538  1.00 0.00 ? 3  PHE A HE1  1 
ATOM   47   H HE2  . PHE A 1 3  ? 4.130   -6.849 0.574   1.00 0.00 ? 3  PHE A HE2  1 
ATOM   48   H HZ   . PHE A 1 3  ? 4.044   -7.888 -1.676  1.00 0.00 ? 3  PHE A HZ   1 
ATOM   49   N N    . ASP A 1 4  ? 5.735   -0.831 0.576   1.00 0.00 ? 4  ASP A N    1 
ATOM   50   C CA   . ASP A 1 4  ? 4.877   -0.340 1.646   1.00 0.00 ? 4  ASP A CA   1 
ATOM   51   C C    . ASP A 1 4  ? 3.792   0.571  1.079   1.00 0.00 ? 4  ASP A C    1 
ATOM   52   O O    . ASP A 1 4  ? 2.767   0.806  1.719   1.00 0.00 ? 4  ASP A O    1 
ATOM   53   C CB   . ASP A 1 4  ? 5.716   0.431  2.667   1.00 0.00 ? 4  ASP A CB   1 
ATOM   54   C CG   . ASP A 1 4  ? 6.475   -0.543 3.562   1.00 0.00 ? 4  ASP A CG   1 
ATOM   55   O OD1  . ASP A 1 4  ? 7.342   -1.233 3.050   1.00 0.00 ? 4  ASP A OD1  1 
ATOM   56   O OD2  . ASP A 1 4  ? 6.180   -0.583 4.745   1.00 0.00 ? 4  ASP A OD2  1 
ATOM   57   H H    . ASP A 1 4  ? 6.593   -0.389 0.412   1.00 0.00 ? 4  ASP A H    1 
ATOM   58   H HA   . ASP A 1 4  ? 4.410   -1.180 2.137   1.00 0.00 ? 4  ASP A HA   1 
ATOM   59   H HB2  . ASP A 1 4  ? 6.420   1.064  2.146   1.00 0.00 ? 4  ASP A HB2  1 
ATOM   60   H HB3  . ASP A 1 4  ? 5.068   1.042  3.274   1.00 0.00 ? 4  ASP A HB3  1 
ATOM   61   N N    . LYS A 1 5  ? 4.029   1.083  -0.125  1.00 0.00 ? 5  LYS A N    1 
ATOM   62   C CA   . LYS A 1 5  ? 3.068   1.971  -0.770  1.00 0.00 ? 5  LYS A CA   1 
ATOM   63   C C    . LYS A 1 5  ? 1.859   1.183  -1.270  1.00 0.00 ? 5  LYS A C    1 
ATOM   64   O O    . LYS A 1 5  ? 0.726   1.661  -1.203  1.00 0.00 ? 5  LYS A O    1 
ATOM   65   C CB   . LYS A 1 5  ? 3.743   2.699  -1.945  1.00 0.00 ? 5  LYS A CB   1 
ATOM   66   C CG   . LYS A 1 5  ? 3.474   4.208  -1.862  1.00 0.00 ? 5  LYS A CG   1 
ATOM   67   C CD   . LYS A 1 5  ? 1.995   4.490  -2.153  1.00 0.00 ? 5  LYS A CD   1 
ATOM   68   C CE   . LYS A 1 5  ? 1.670   4.152  -3.615  1.00 0.00 ? 5  LYS A CE   1 
ATOM   69   N NZ   . LYS A 1 5  ? 1.149   2.759  -3.698  1.00 0.00 ? 5  LYS A NZ   1 
ATOM   70   H H    . LYS A 1 5  ? 4.864   0.862  -0.585  1.00 0.00 ? 5  LYS A H    1 
ATOM   71   H HA   . LYS A 1 5  ? 2.733   2.697  -0.049  1.00 0.00 ? 5  LYS A HA   1 
ATOM   72   H HB2  . LYS A 1 5  ? 4.809   2.527  -1.905  1.00 0.00 ? 5  LYS A HB2  1 
ATOM   73   H HB3  . LYS A 1 5  ? 3.358   2.319  -2.880  1.00 0.00 ? 5  LYS A HB3  1 
ATOM   74   H HG2  . LYS A 1 5  ? 3.721   4.564  -0.872  1.00 0.00 ? 5  LYS A HG2  1 
ATOM   75   H HG3  . LYS A 1 5  ? 4.086   4.722  -2.588  1.00 0.00 ? 5  LYS A HG3  1 
ATOM   76   H HD2  . LYS A 1 5  ? 1.380   3.889  -1.501  1.00 0.00 ? 5  LYS A HD2  1 
ATOM   77   H HD3  . LYS A 1 5  ? 1.790   5.536  -1.974  1.00 0.00 ? 5  LYS A HD3  1 
ATOM   78   H HE2  . LYS A 1 5  ? 0.920   4.837  -3.983  1.00 0.00 ? 5  LYS A HE2  1 
ATOM   79   H HE3  . LYS A 1 5  ? 2.562   4.240  -4.218  1.00 0.00 ? 5  LYS A HE3  1 
ATOM   80   H HZ1  . LYS A 1 5  ? 1.031   2.375  -2.739  1.00 0.00 ? 5  LYS A HZ1  1 
ATOM   81   H HZ2  . LYS A 1 5  ? 1.823   2.169  -4.227  1.00 0.00 ? 5  LYS A HZ2  1 
ATOM   82   H HZ3  . LYS A 1 5  ? 0.231   2.759  -4.184  1.00 0.00 ? 5  LYS A HZ3  1 
ATOM   83   N N    . LEU A 1 6  ? 2.105   -0.023 -1.771  1.00 0.00 ? 6  LEU A N    1 
ATOM   84   C CA   . LEU A 1 6  ? 1.020   -0.858 -2.278  1.00 0.00 ? 6  LEU A CA   1 
ATOM   85   C C    . LEU A 1 6  ? 0.198   -1.425 -1.123  1.00 0.00 ? 6  LEU A C    1 
ATOM   86   O O    . LEU A 1 6  ? -0.985  -1.727 -1.282  1.00 0.00 ? 6  LEU A O    1 
ATOM   87   C CB   . LEU A 1 6  ? 1.590   -1.996 -3.140  1.00 0.00 ? 6  LEU A CB   1 
ATOM   88   C CG   . LEU A 1 6  ? 2.003   -3.186 -2.253  1.00 0.00 ? 6  LEU A CG   1 
ATOM   89   C CD1  . LEU A 1 6  ? 0.791   -4.095 -1.977  1.00 0.00 ? 6  LEU A CD1  1 
ATOM   90   C CD2  . LEU A 1 6  ? 3.095   -3.994 -2.965  1.00 0.00 ? 6  LEU A CD2  1 
ATOM   91   H H    . LEU A 1 6  ? 3.026   -0.354 -1.801  1.00 0.00 ? 6  LEU A H    1 
ATOM   92   H HA   . LEU A 1 6  ? 0.375   -0.248 -2.894  1.00 0.00 ? 6  LEU A HA   1 
ATOM   93   H HB2  . LEU A 1 6  ? 0.842   -2.316 -3.851  1.00 0.00 ? 6  LEU A HB2  1 
ATOM   94   H HB3  . LEU A 1 6  ? 2.455   -1.633 -3.675  1.00 0.00 ? 6  LEU A HB3  1 
ATOM   95   H HG   . LEU A 1 6  ? 2.389   -2.813 -1.315  1.00 0.00 ? 6  LEU A HG   1 
ATOM   96   H HD11 . LEU A 1 6  ? 0.698   -4.251 -0.912  1.00 0.00 ? 6  LEU A HD11 1 
ATOM   97   H HD12 . LEU A 1 6  ? 0.934   -5.049 -2.465  1.00 0.00 ? 6  LEU A HD12 1 
ATOM   98   H HD13 . LEU A 1 6  ? -0.111  -3.635 -2.351  1.00 0.00 ? 6  LEU A HD13 1 
ATOM   99   H HD21 . LEU A 1 6  ? 3.926   -3.347 -3.202  1.00 0.00 ? 6  LEU A HD21 1 
ATOM   100  H HD22 . LEU A 1 6  ? 2.696   -4.416 -3.874  1.00 0.00 ? 6  LEU A HD22 1 
ATOM   101  H HD23 . LEU A 1 6  ? 3.432   -4.789 -2.316  1.00 0.00 ? 6  LEU A HD23 1 
ATOM   102  N N    . LYS A 1 7  ? 0.831   -1.564 0.037   1.00 0.00 ? 7  LYS A N    1 
ATOM   103  C CA   . LYS A 1 7  ? 0.145   -2.094 1.210   1.00 0.00 ? 7  LYS A CA   1 
ATOM   104  C C    . LYS A 1 7  ? -0.780  -1.037 1.810   1.00 0.00 ? 7  LYS A C    1 
ATOM   105  O O    . LYS A 1 7  ? -1.739  -1.362 2.510   1.00 0.00 ? 7  LYS A O    1 
ATOM   106  C CB   . LYS A 1 7  ? 1.172   -2.539 2.259   1.00 0.00 ? 7  LYS A CB   1 
ATOM   107  C CG   . LYS A 1 7  ? 1.579   -3.993 2.002   1.00 0.00 ? 7  LYS A CG   1 
ATOM   108  C CD   . LYS A 1 7  ? 2.614   -4.432 3.045   1.00 0.00 ? 7  LYS A CD   1 
ATOM   109  C CE   . LYS A 1 7  ? 2.543   -5.949 3.235   1.00 0.00 ? 7  LYS A CE   1 
ATOM   110  N NZ   . LYS A 1 7  ? 3.691   -6.399 4.073   1.00 0.00 ? 7  LYS A NZ   1 
ATOM   111  H H    . LYS A 1 7  ? 1.773   -1.305 0.107   1.00 0.00 ? 7  LYS A H    1 
ATOM   112  H HA   . LYS A 1 7  ? -0.447  -2.947 0.915   1.00 0.00 ? 7  LYS A HA   1 
ATOM   113  H HB2  . LYS A 1 7  ? 2.044   -1.905 2.198   1.00 0.00 ? 7  LYS A HB2  1 
ATOM   114  H HB3  . LYS A 1 7  ? 0.739   -2.459 3.246   1.00 0.00 ? 7  LYS A HB3  1 
ATOM   115  H HG2  . LYS A 1 7  ? 0.706   -4.627 2.069   1.00 0.00 ? 7  LYS A HG2  1 
ATOM   116  H HG3  . LYS A 1 7  ? 2.008   -4.077 1.015   1.00 0.00 ? 7  LYS A HG3  1 
ATOM   117  H HD2  . LYS A 1 7  ? 3.603   -4.157 2.708   1.00 0.00 ? 7  LYS A HD2  1 
ATOM   118  H HD3  . LYS A 1 7  ? 2.408   -3.945 3.988   1.00 0.00 ? 7  LYS A HD3  1 
ATOM   119  H HE2  . LYS A 1 7  ? 1.616   -6.207 3.726   1.00 0.00 ? 7  LYS A HE2  1 
ATOM   120  H HE3  . LYS A 1 7  ? 2.588   -6.435 2.271   1.00 0.00 ? 7  LYS A HE3  1 
ATOM   121  H HZ1  . LYS A 1 7  ? 4.352   -5.610 4.210   1.00 0.00 ? 7  LYS A HZ1  1 
ATOM   122  H HZ2  . LYS A 1 7  ? 4.179   -7.185 3.597   1.00 0.00 ? 7  LYS A HZ2  1 
ATOM   123  H HZ3  . LYS A 1 7  ? 3.341   -6.718 4.998   1.00 0.00 ? 7  LYS A HZ3  1 
ATOM   124  N N    . SER A 1 8  ? -0.484  0.229  1.531   1.00 0.00 ? 8  SER A N    1 
ATOM   125  C CA   . SER A 1 8  ? -1.296  1.325  2.050   1.00 0.00 ? 8  SER A CA   1 
ATOM   126  C C    . SER A 1 8  ? -2.526  1.544  1.174   1.00 0.00 ? 8  SER A C    1 
ATOM   127  O O    . SER A 1 8  ? -3.609  1.845  1.676   1.00 0.00 ? 8  SER A O    1 
ATOM   128  C CB   . SER A 1 8  ? -0.468  2.609  2.097   1.00 0.00 ? 8  SER A CB   1 
ATOM   129  O OG   . SER A 1 8  ? 0.736   2.365  2.812   1.00 0.00 ? 8  SER A OG   1 
ATOM   130  H H    . SER A 1 8  ? 0.293   0.429  0.969   1.00 0.00 ? 8  SER A H    1 
ATOM   131  H HA   . SER A 1 8  ? -1.616  1.081  3.051   1.00 0.00 ? 8  SER A HA   1 
ATOM   132  H HB2  . SER A 1 8  ? -0.226  2.921  1.094   1.00 0.00 ? 8  SER A HB2  1 
ATOM   133  H HB3  . SER A 1 8  ? -1.039  3.387  2.586   1.00 0.00 ? 8  SER A HB3  1 
ATOM   134  H HG   . SER A 1 8  ? 0.597   1.601  3.376   1.00 0.00 ? 8  SER A HG   1 
ATOM   135  N N    . LEU A 1 9  ? -2.351  1.393  -0.134  1.00 0.00 ? 9  LEU A N    1 
ATOM   136  C CA   . LEU A 1 9  ? -3.456  1.578  -1.069  1.00 0.00 ? 9  LEU A CA   1 
ATOM   137  C C    . LEU A 1 9  ? -4.476  0.454  -0.925  1.00 0.00 ? 9  LEU A C    1 
ATOM   138  O O    . LEU A 1 9  ? -5.673  0.660  -1.131  1.00 0.00 ? 9  LEU A O    1 
ATOM   139  C CB   . LEU A 1 9  ? -2.925  1.609  -2.506  1.00 0.00 ? 9  LEU A CB   1 
ATOM   140  C CG   . LEU A 1 9  ? -3.983  2.213  -3.440  1.00 0.00 ? 9  LEU A CG   1 
ATOM   141  C CD1  . LEU A 1 9  ? -3.859  3.739  -3.452  1.00 0.00 ? 9  LEU A CD1  1 
ATOM   142  C CD2  . LEU A 1 9  ? -3.774  1.681  -4.861  1.00 0.00 ? 9  LEU A CD2  1 
ATOM   143  H H    . LEU A 1 9  ? -1.465  1.153  -0.478  1.00 0.00 ? 9  LEU A H    1 
ATOM   144  H HA   . LEU A 1 9  ? -3.939  2.519  -0.855  1.00 0.00 ? 9  LEU A HA   1 
ATOM   145  H HB2  . LEU A 1 9  ? -2.024  2.205  -2.542  1.00 0.00 ? 9  LEU A HB2  1 
ATOM   146  H HB3  . LEU A 1 9  ? -2.699  0.601  -2.823  1.00 0.00 ? 9  LEU A HB3  1 
ATOM   147  H HG   . LEU A 1 9  ? -4.969  1.936  -3.094  1.00 0.00 ? 9  LEU A HG   1 
ATOM   148  H HD11 . LEU A 1 9  ? -4.092  4.129  -2.472  1.00 0.00 ? 9  LEU A HD11 1 
ATOM   149  H HD12 . LEU A 1 9  ? -4.548  4.150  -4.174  1.00 0.00 ? 9  LEU A HD12 1 
ATOM   150  H HD13 . LEU A 1 9  ? -2.850  4.018  -3.719  1.00 0.00 ? 9  LEU A HD13 1 
ATOM   151  H HD21 . LEU A 1 9  ? -2.768  1.902  -5.184  1.00 0.00 ? 9  LEU A HD21 1 
ATOM   152  H HD22 . LEU A 1 9  ? -4.479  2.152  -5.529  1.00 0.00 ? 9  LEU A HD22 1 
ATOM   153  H HD23 . LEU A 1 9  ? -3.928  0.611  -4.871  1.00 0.00 ? 9  LEU A HD23 1 
ATOM   154  N N    . VAL A 1 10 ? -3.996  -0.733 -0.571  1.00 0.00 ? 10 VAL A N    1 
ATOM   155  C CA   . VAL A 1 10 ? -4.878  -1.883 -0.402  1.00 0.00 ? 10 VAL A CA   1 
ATOM   156  C C    . VAL A 1 10 ? -5.667  -1.767 0.898   1.00 0.00 ? 10 VAL A C    1 
ATOM   157  O O    . VAL A 1 10 ? -6.751  -2.335 1.031   1.00 0.00 ? 10 VAL A O    1 
ATOM   158  C CB   . VAL A 1 10 ? -4.057  -3.174 -0.394  1.00 0.00 ? 10 VAL A CB   1 
ATOM   159  C CG1  . VAL A 1 10 ? -4.962  -4.359 -0.045  1.00 0.00 ? 10 VAL A CG1  1 
ATOM   160  C CG2  . VAL A 1 10 ? -3.444  -3.395 -1.780  1.00 0.00 ? 10 VAL A CG2  1 
ATOM   161  H H    . VAL A 1 10 ? -3.035  -0.838 -0.420  1.00 0.00 ? 10 VAL A H    1 
ATOM   162  H HA   . VAL A 1 10 ? -5.572  -1.917 -1.230  1.00 0.00 ? 10 VAL A HA   1 
ATOM   163  H HB   . VAL A 1 10 ? -3.269  -3.095 0.340   1.00 0.00 ? 10 VAL A HB   1 
ATOM   164  H HG11 . VAL A 1 10 ? -5.875  -4.294 -0.617  1.00 0.00 ? 10 VAL A HG11 1 
ATOM   165  H HG12 . VAL A 1 10 ? -5.195  -4.334 1.009   1.00 0.00 ? 10 VAL A HG12 1 
ATOM   166  H HG13 . VAL A 1 10 ? -4.453  -5.282 -0.279  1.00 0.00 ? 10 VAL A HG13 1 
ATOM   167  H HG21 . VAL A 1 10 ? -4.208  -3.747 -2.459  1.00 0.00 ? 10 VAL A HG21 1 
ATOM   168  H HG22 . VAL A 1 10 ? -2.657  -4.131 -1.713  1.00 0.00 ? 10 VAL A HG22 1 
ATOM   169  H HG23 . VAL A 1 10 ? -3.038  -2.465 -2.147  1.00 0.00 ? 10 VAL A HG23 1 
ATOM   170  N N    . SER A 1 11 ? -5.115  -1.029 1.856   1.00 0.00 ? 11 SER A N    1 
ATOM   171  C CA   . SER A 1 11 ? -5.776  -0.846 3.143   1.00 0.00 ? 11 SER A CA   1 
ATOM   172  C C    . SER A 1 11 ? -6.878  0.204  3.036   1.00 0.00 ? 11 SER A C    1 
ATOM   173  O O    . SER A 1 11 ? -7.862  0.164  3.774   1.00 0.00 ? 11 SER A O    1 
ATOM   174  C CB   . SER A 1 11 ? -4.757  -0.412 4.197   1.00 0.00 ? 11 SER A CB   1 
ATOM   175  O OG   . SER A 1 11 ? -5.443  0.114  5.325   1.00 0.00 ? 11 SER A OG   1 
ATOM   176  H H    . SER A 1 11 ? -4.249  -0.600 1.695   1.00 0.00 ? 11 SER A H    1 
ATOM   177  H HA   . SER A 1 11 ? -6.215  -1.784 3.449   1.00 0.00 ? 11 SER A HA   1 
ATOM   178  H HB2  . SER A 1 11 ? -4.169  -1.261 4.504   1.00 0.00 ? 11 SER A HB2  1 
ATOM   179  H HB3  . SER A 1 11 ? -4.104  0.341  3.775   1.00 0.00 ? 11 SER A HB3  1 
ATOM   180  H HG   . SER A 1 11 ? -5.005  -0.209 6.116   1.00 0.00 ? 11 SER A HG   1 
ATOM   181  N N    . ASP A 1 12 ? -6.705  1.143  2.111   1.00 0.00 ? 12 ASP A N    1 
ATOM   182  C CA   . ASP A 1 12 ? -7.690  2.200  1.915   1.00 0.00 ? 12 ASP A CA   1 
ATOM   183  C C    . ASP A 1 12 ? -8.886  1.679  1.125   1.00 0.00 ? 12 ASP A C    1 
ATOM   184  O O    . ASP A 1 12 ? -9.992  1.569  1.654   1.00 0.00 ? 12 ASP A O    1 
ATOM   185  C CB   . ASP A 1 12 ? -7.056  3.374  1.169   1.00 0.00 ? 12 ASP A CB   1 
ATOM   186  C CG   . ASP A 1 12 ? -6.029  4.065  2.059   1.00 0.00 ? 12 ASP A CG   1 
ATOM   187  O OD1  . ASP A 1 12 ? -5.933  3.692  3.218   1.00 0.00 ? 12 ASP A OD1  1 
ATOM   188  O OD2  . ASP A 1 12 ? -5.353  4.955  1.571   1.00 0.00 ? 12 ASP A OD2  1 
ATOM   189  H H    . ASP A 1 12 ? -5.901  1.125  1.551   1.00 0.00 ? 12 ASP A H    1 
ATOM   190  H HA   . ASP A 1 12 ? -8.031  2.545  2.880   1.00 0.00 ? 12 ASP A HA   1 
ATOM   191  H HB2  . ASP A 1 12 ? -6.568  3.009  0.275   1.00 0.00 ? 12 ASP A HB2  1 
ATOM   192  H HB3  . ASP A 1 12 ? -7.823  4.082  0.894   1.00 0.00 ? 12 ASP A HB3  1 
ATOM   193  N N    . PHE A 1 13 ? -8.656  1.356  -0.145  1.00 0.00 ? 13 PHE A N    1 
ATOM   194  C CA   . PHE A 1 13 ? -9.708  0.847  -1.007  1.00 0.00 ? 13 PHE A CA   1 
ATOM   195  C C    . PHE A 1 13 ? -9.541  -0.656 -1.226  1.00 0.00 ? 13 PHE A C    1 
ATOM   196  O O    . PHE A 1 13 ? -10.509 -1.356 -1.522  1.00 0.00 ? 13 PHE A O    1 
ATOM   197  C CB   . PHE A 1 13 ? -9.658  1.604  -2.341  1.00 0.00 ? 13 PHE A CB   1 
ATOM   198  C CG   . PHE A 1 13 ? -9.319  0.647  -3.451  1.00 0.00 ? 13 PHE A CG   1 
ATOM   199  C CD1  . PHE A 1 13 ? -10.325 -0.091 -4.081  1.00 0.00 ? 13 PHE A CD1  1 
ATOM   200  C CD2  . PHE A 1 13 ? -7.985  0.489  -3.833  1.00 0.00 ? 13 PHE A CD2  1 
ATOM   201  C CE1  . PHE A 1 13 ? -9.991  -0.991 -5.096  1.00 0.00 ? 13 PHE A CE1  1 
ATOM   202  C CE2  . PHE A 1 13 ? -7.651  -0.406 -4.848  1.00 0.00 ? 13 PHE A CE2  1 
ATOM   203  C CZ   . PHE A 1 13 ? -8.653  -1.147 -5.479  1.00 0.00 ? 13 PHE A CZ   1 
ATOM   204  H H    . PHE A 1 13 ? -7.755  1.460  -0.518  1.00 0.00 ? 13 PHE A H    1 
ATOM   205  H HA   . PHE A 1 13 ? -10.666 1.027  -0.539  1.00 0.00 ? 13 PHE A HA   1 
ATOM   206  H HB2  . PHE A 1 13 ? -10.618 2.056  -2.535  1.00 0.00 ? 13 PHE A HB2  1 
ATOM   207  H HB3  . PHE A 1 13 ? -8.904  2.375  -2.288  1.00 0.00 ? 13 PHE A HB3  1 
ATOM   208  H HD1  . PHE A 1 13 ? -11.356 0.034  -3.784  1.00 0.00 ? 13 PHE A HD1  1 
ATOM   209  H HD2  . PHE A 1 13 ? -7.211  1.062  -3.344  1.00 0.00 ? 13 PHE A HD2  1 
ATOM   210  H HE1  . PHE A 1 13 ? -10.763 -1.564 -5.586  1.00 0.00 ? 13 PHE A HE1  1 
ATOM   211  H HE2  . PHE A 1 13 ? -6.620  -0.528 -5.143  1.00 0.00 ? 13 PHE A HE2  1 
ATOM   212  H HZ   . PHE A 1 13 ? -8.393  -1.840 -6.257  1.00 0.00 ? 13 PHE A HZ   1 
HETATM 213  N N    . NH2 A 1 14 ? -8.359  -1.195 -1.099  1.00 0.00 ? 14 NH2 A N    1 
HETATM 214  H HN1  . NH2 A 1 14 ? -7.589  -0.638 -0.864  1.00 0.00 ? 14 NH2 A HN1  1 
HETATM 215  H HN2  . NH2 A 1 14 ? -8.244  -2.158 -1.238  1.00 0.00 ? 14 NH2 A HN2  1 
ATOM   216  N N    . GLY A 1 1  ? 6.486   2.331  5.828   1.00 0.00 ? 1  GLY A N    2 
ATOM   217  C CA   . GLY A 1 1  ? 5.801   3.600  6.203   1.00 0.00 ? 1  GLY A CA   2 
ATOM   218  C C    . GLY A 1 1  ? 5.073   4.165  4.990   1.00 0.00 ? 1  GLY A C    2 
ATOM   219  O O    . GLY A 1 1  ? 3.853   4.043  4.873   1.00 0.00 ? 1  GLY A O    2 
ATOM   220  H H1   . GLY A 1 1  ? 5.916   1.824  5.122   1.00 0.00 ? 1  GLY A H1   2 
ATOM   221  H H2   . GLY A 1 1  ? 6.600   1.735  6.674   1.00 0.00 ? 1  GLY A H2   2 
ATOM   222  H H3   . GLY A 1 1  ? 7.420   2.546  5.426   1.00 0.00 ? 1  GLY A H3   2 
ATOM   223  H HA2  . GLY A 1 1  ? 5.090   3.405  6.994   1.00 0.00 ? 1  GLY A HA2  2 
ATOM   224  H HA3  . GLY A 1 1  ? 6.532   4.316  6.546   1.00 0.00 ? 1  GLY A HA3  2 
ATOM   225  N N    . LEU A 1 2  ? 5.828   4.787  4.090   1.00 0.00 ? 2  LEU A N    2 
ATOM   226  C CA   . LEU A 1 2  ? 5.242   5.370  2.888   1.00 0.00 ? 2  LEU A CA   2 
ATOM   227  C C    . LEU A 1 2  ? 4.980   4.292  1.844   1.00 0.00 ? 2  LEU A C    2 
ATOM   228  O O    . LEU A 1 2  ? 3.868   4.163  1.332   1.00 0.00 ? 2  LEU A O    2 
ATOM   229  C CB   . LEU A 1 2  ? 6.186   6.425  2.305   1.00 0.00 ? 2  LEU A CB   2 
ATOM   230  C CG   . LEU A 1 2  ? 5.411   7.354  1.360   1.00 0.00 ? 2  LEU A CG   2 
ATOM   231  C CD1  . LEU A 1 2  ? 4.770   8.494  2.158   1.00 0.00 ? 2  LEU A CD1  2 
ATOM   232  C CD2  . LEU A 1 2  ? 6.370   7.945  0.323   1.00 0.00 ? 2  LEU A CD2  2 
ATOM   233  H H    . LEU A 1 2  ? 6.794   4.855  4.236   1.00 0.00 ? 2  LEU A H    2 
ATOM   234  H HA   . LEU A 1 2  ? 4.309   5.839  3.146   1.00 0.00 ? 2  LEU A HA   2 
ATOM   235  H HB2  . LEU A 1 2  ? 6.618   7.003  3.111   1.00 0.00 ? 2  LEU A HB2  2 
ATOM   236  H HB3  . LEU A 1 2  ? 6.976   5.933  1.757   1.00 0.00 ? 2  LEU A HB3  2 
ATOM   237  H HG   . LEU A 1 2  ? 4.638   6.791  0.856   1.00 0.00 ? 2  LEU A HG   2 
ATOM   238  H HD11 . LEU A 1 2  ? 5.534   9.024  2.707   1.00 0.00 ? 2  LEU A HD11 2 
ATOM   239  H HD12 . LEU A 1 2  ? 4.045   8.089  2.849   1.00 0.00 ? 2  LEU A HD12 2 
ATOM   240  H HD13 . LEU A 1 2  ? 4.277   9.175  1.479   1.00 0.00 ? 2  LEU A HD13 2 
ATOM   241  H HD21 . LEU A 1 2  ? 7.183   8.445  0.829   1.00 0.00 ? 2  LEU A HD21 2 
ATOM   242  H HD22 . LEU A 1 2  ? 5.840   8.654  -0.295  1.00 0.00 ? 2  LEU A HD22 2 
ATOM   243  H HD23 . LEU A 1 2  ? 6.764   7.152  -0.296  1.00 0.00 ? 2  LEU A HD23 2 
ATOM   244  N N    . PHE A 1 3  ? 6.014   3.522  1.534   1.00 0.00 ? 3  PHE A N    2 
ATOM   245  C CA   . PHE A 1 3  ? 5.893   2.455  0.548   1.00 0.00 ? 3  PHE A CA   2 
ATOM   246  C C    . PHE A 1 3  ? 4.938   1.374  1.045   1.00 0.00 ? 3  PHE A C    2 
ATOM   247  O O    . PHE A 1 3  ? 4.470   0.540  0.272   1.00 0.00 ? 3  PHE A O    2 
ATOM   248  C CB   . PHE A 1 3  ? 7.272   1.846  0.264   1.00 0.00 ? 3  PHE A CB   2 
ATOM   249  C CG   . PHE A 1 3  ? 7.364   1.448  -1.193  1.00 0.00 ? 3  PHE A CG   2 
ATOM   250  C CD1  . PHE A 1 3  ? 7.555   2.428  -2.174  1.00 0.00 ? 3  PHE A CD1  2 
ATOM   251  C CD2  . PHE A 1 3  ? 7.259   0.101  -1.560  1.00 0.00 ? 3  PHE A CD2  2 
ATOM   252  C CE1  . PHE A 1 3  ? 7.641   2.061  -3.522  1.00 0.00 ? 3  PHE A CE1  2 
ATOM   253  C CE2  . PHE A 1 3  ? 7.346   -0.265 -2.908  1.00 0.00 ? 3  PHE A CE2  2 
ATOM   254  C CZ   . PHE A 1 3  ? 7.537   0.715  -3.889  1.00 0.00 ? 3  PHE A CZ   2 
ATOM   255  H H    . PHE A 1 3  ? 6.874   3.677  1.976   1.00 0.00 ? 3  PHE A H    2 
ATOM   256  H HA   . PHE A 1 3  ? 5.499   2.874  -0.367  1.00 0.00 ? 3  PHE A HA   2 
ATOM   257  H HB2  . PHE A 1 3  ? 8.037   2.575  0.484   1.00 0.00 ? 3  PHE A HB2  2 
ATOM   258  H HB3  . PHE A 1 3  ? 7.419   0.974  0.884   1.00 0.00 ? 3  PHE A HB3  2 
ATOM   259  H HD1  . PHE A 1 3  ? 7.635   3.467  -1.890  1.00 0.00 ? 3  PHE A HD1  2 
ATOM   260  H HD2  . PHE A 1 3  ? 7.111   -0.656 -0.803  1.00 0.00 ? 3  PHE A HD2  2 
ATOM   261  H HE1  . PHE A 1 3  ? 7.789   2.818  -4.279  1.00 0.00 ? 3  PHE A HE1  2 
ATOM   262  H HE2  . PHE A 1 3  ? 7.264   -1.304 -3.192  1.00 0.00 ? 3  PHE A HE2  2 
ATOM   263  H HZ   . PHE A 1 3  ? 7.604   0.432  -4.929  1.00 0.00 ? 3  PHE A HZ   2 
ATOM   264  N N    . ASP A 1 4  ? 4.654   1.396  2.343   1.00 0.00 ? 4  ASP A N    2 
ATOM   265  C CA   . ASP A 1 4  ? 3.754   0.416  2.936   1.00 0.00 ? 4  ASP A CA   2 
ATOM   266  C C    . ASP A 1 4  ? 2.301   0.832  2.727   1.00 0.00 ? 4  ASP A C    2 
ATOM   267  O O    . ASP A 1 4  ? 1.390   0.010  2.816   1.00 0.00 ? 4  ASP A O    2 
ATOM   268  C CB   . ASP A 1 4  ? 4.044   0.291  4.432   1.00 0.00 ? 4  ASP A CB   2 
ATOM   269  C CG   . ASP A 1 4  ? 5.303   -0.543 4.654   1.00 0.00 ? 4  ASP A CG   2 
ATOM   270  O OD1  . ASP A 1 4  ? 6.034   -0.741 3.699   1.00 0.00 ? 4  ASP A OD1  2 
ATOM   271  O OD2  . ASP A 1 4  ? 5.517   -0.969 5.777   1.00 0.00 ? 4  ASP A OD2  2 
ATOM   272  H H    . ASP A 1 4  ? 5.055   2.082  2.913   1.00 0.00 ? 4  ASP A H    2 
ATOM   273  H HA   . ASP A 1 4  ? 3.916   -0.543 2.465   1.00 0.00 ? 4  ASP A HA   2 
ATOM   274  H HB2  . ASP A 1 4  ? 4.189   1.275  4.852   1.00 0.00 ? 4  ASP A HB2  2 
ATOM   275  H HB3  . ASP A 1 4  ? 3.210   -0.187 4.920   1.00 0.00 ? 4  ASP A HB3  2 
ATOM   276  N N    . LYS A 1 5  ? 2.092   2.116  2.453   1.00 0.00 ? 5  LYS A N    2 
ATOM   277  C CA   . LYS A 1 5  ? 0.746   2.633  2.237   1.00 0.00 ? 5  LYS A CA   2 
ATOM   278  C C    . LYS A 1 5  ? 0.234   2.250  0.852   1.00 0.00 ? 5  LYS A C    2 
ATOM   279  O O    . LYS A 1 5  ? -0.943  1.931  0.681   1.00 0.00 ? 5  LYS A O    2 
ATOM   280  C CB   . LYS A 1 5  ? 0.744   4.157  2.382   1.00 0.00 ? 5  LYS A CB   2 
ATOM   281  C CG   . LYS A 1 5  ? -0.688  4.652  2.596   1.00 0.00 ? 5  LYS A CG   2 
ATOM   282  C CD   . LYS A 1 5  ? -0.681  6.169  2.800   1.00 0.00 ? 5  LYS A CD   2 
ATOM   283  C CE   . LYS A 1 5  ? -2.000  6.609  3.439   1.00 0.00 ? 5  LYS A CE   2 
ATOM   284  N NZ   . LYS A 1 5  ? -3.118  5.807  2.868   1.00 0.00 ? 5  LYS A NZ   2 
ATOM   285  H H    . LYS A 1 5  ? 2.857   2.726  2.396   1.00 0.00 ? 5  LYS A H    2 
ATOM   286  H HA   . LYS A 1 5  ? 0.088   2.212  2.980   1.00 0.00 ? 5  LYS A HA   2 
ATOM   287  H HB2  . LYS A 1 5  ? 1.353   4.438  3.229   1.00 0.00 ? 5  LYS A HB2  2 
ATOM   288  H HB3  . LYS A 1 5  ? 1.146   4.605  1.486   1.00 0.00 ? 5  LYS A HB3  2 
ATOM   289  H HG2  . LYS A 1 5  ? -1.287  4.406  1.730   1.00 0.00 ? 5  LYS A HG2  2 
ATOM   290  H HG3  . LYS A 1 5  ? -1.108  4.174  3.470   1.00 0.00 ? 5  LYS A HG3  2 
ATOM   291  H HD2  . LYS A 1 5  ? 0.141   6.441  3.448   1.00 0.00 ? 5  LYS A HD2  2 
ATOM   292  H HD3  . LYS A 1 5  ? -0.564  6.660  1.846   1.00 0.00 ? 5  LYS A HD3  2 
ATOM   293  H HE2  . LYS A 1 5  ? -1.952  6.452  4.507   1.00 0.00 ? 5  LYS A HE2  2 
ATOM   294  H HE3  . LYS A 1 5  ? -2.167  7.656  3.235   1.00 0.00 ? 5  LYS A HE3  2 
ATOM   295  H HZ1  . LYS A 1 5  ? -3.332  5.010  3.500   1.00 0.00 ? 5  LYS A HZ1  2 
ATOM   296  H HZ2  . LYS A 1 5  ? -2.843  5.445  1.933   1.00 0.00 ? 5  LYS A HZ2  2 
ATOM   297  H HZ3  . LYS A 1 5  ? -3.962  6.406  2.774   1.00 0.00 ? 5  LYS A HZ3  2 
ATOM   298  N N    . LEU A 1 6  ? 1.124   2.284  -0.134  1.00 0.00 ? 6  LEU A N    2 
ATOM   299  C CA   . LEU A 1 6  ? 0.747   1.938  -1.500  1.00 0.00 ? 6  LEU A CA   2 
ATOM   300  C C    . LEU A 1 6  ? 0.582   0.427  -1.643  1.00 0.00 ? 6  LEU A C    2 
ATOM   301  O O    . LEU A 1 6  ? -0.149  -0.047 -2.513  1.00 0.00 ? 6  LEU A O    2 
ATOM   302  C CB   . LEU A 1 6  ? 1.806   2.455  -2.486  1.00 0.00 ? 6  LEU A CB   2 
ATOM   303  C CG   . LEU A 1 6  ? 2.993   1.480  -2.558  1.00 0.00 ? 6  LEU A CG   2 
ATOM   304  C CD1  . LEU A 1 6  ? 2.674   0.312  -3.512  1.00 0.00 ? 6  LEU A CD1  2 
ATOM   305  C CD2  . LEU A 1 6  ? 4.233   2.227  -3.064  1.00 0.00 ? 6  LEU A CD2  2 
ATOM   306  H H    . LEU A 1 6  ? 2.047   2.545  0.061   1.00 0.00 ? 6  LEU A H    2 
ATOM   307  H HA   . LEU A 1 6  ? -0.197  2.411  -1.728  1.00 0.00 ? 6  LEU A HA   2 
ATOM   308  H HB2  . LEU A 1 6  ? 1.364   2.562  -3.466  1.00 0.00 ? 6  LEU A HB2  2 
ATOM   309  H HB3  . LEU A 1 6  ? 2.159   3.420  -2.150  1.00 0.00 ? 6  LEU A HB3  2 
ATOM   310  H HG   . LEU A 1 6  ? 3.190   1.087  -1.572  1.00 0.00 ? 6  LEU A HG   2 
ATOM   311  H HD11 . LEU A 1 6  ? 3.433   0.249  -4.279  1.00 0.00 ? 6  LEU A HD11 2 
ATOM   312  H HD12 . LEU A 1 6  ? 1.711   0.467  -3.976  1.00 0.00 ? 6  LEU A HD12 2 
ATOM   313  H HD13 . LEU A 1 6  ? 2.656   -0.611 -2.952  1.00 0.00 ? 6  LEU A HD13 2 
ATOM   314  H HD21 . LEU A 1 6  ? 5.084   1.562  -3.052  1.00 0.00 ? 6  LEU A HD21 2 
ATOM   315  H HD22 . LEU A 1 6  ? 4.430   3.074  -2.424  1.00 0.00 ? 6  LEU A HD22 2 
ATOM   316  H HD23 . LEU A 1 6  ? 4.060   2.571  -4.073  1.00 0.00 ? 6  LEU A HD23 2 
ATOM   317  N N    . LYS A 1 7  ? 1.261   -0.322 -0.781  1.00 0.00 ? 7  LYS A N    2 
ATOM   318  C CA   . LYS A 1 7  ? 1.180   -1.776 -0.816  1.00 0.00 ? 7  LYS A CA   2 
ATOM   319  C C    . LYS A 1 7  ? -0.145  -2.247 -0.223  1.00 0.00 ? 7  LYS A C    2 
ATOM   320  O O    . LYS A 1 7  ? -0.663  -3.301 -0.591  1.00 0.00 ? 7  LYS A O    2 
ATOM   321  C CB   . LYS A 1 7  ? 2.341   -2.381 -0.022  1.00 0.00 ? 7  LYS A CB   2 
ATOM   322  C CG   . LYS A 1 7  ? 3.613   -2.370 -0.877  1.00 0.00 ? 7  LYS A CG   2 
ATOM   323  C CD   . LYS A 1 7  ? 4.760   -3.030 -0.103  1.00 0.00 ? 7  LYS A CD   2 
ATOM   324  C CE   . LYS A 1 7  ? 5.825   -3.522 -1.085  1.00 0.00 ? 7  LYS A CE   2 
ATOM   325  N NZ   . LYS A 1 7  ? 6.956   -4.129 -0.328  1.00 0.00 ? 7  LYS A NZ   2 
ATOM   326  H H    . LYS A 1 7  ? 1.826   0.110  -0.107  1.00 0.00 ? 7  LYS A H    2 
ATOM   327  H HA   . LYS A 1 7  ? 1.243   -2.108 -1.842  1.00 0.00 ? 7  LYS A HA   2 
ATOM   328  H HB2  . LYS A 1 7  ? 2.505   -1.800 0.873   1.00 0.00 ? 7  LYS A HB2  2 
ATOM   329  H HB3  . LYS A 1 7  ? 2.103   -3.397 0.248   1.00 0.00 ? 7  LYS A HB3  2 
ATOM   330  H HG2  . LYS A 1 7  ? 3.433   -2.914 -1.793  1.00 0.00 ? 7  LYS A HG2  2 
ATOM   331  H HG3  . LYS A 1 7  ? 3.880   -1.350 -1.110  1.00 0.00 ? 7  LYS A HG3  2 
ATOM   332  H HD2  . LYS A 1 7  ? 5.199   -2.310 0.573   1.00 0.00 ? 7  LYS A HD2  2 
ATOM   333  H HD3  . LYS A 1 7  ? 4.380   -3.869 0.461   1.00 0.00 ? 7  LYS A HD3  2 
ATOM   334  H HE2  . LYS A 1 7  ? 5.394   -4.262 -1.743  1.00 0.00 ? 7  LYS A HE2  2 
ATOM   335  H HE3  . LYS A 1 7  ? 6.188   -2.689 -1.668  1.00 0.00 ? 7  LYS A HE3  2 
ATOM   336  H HZ1  . LYS A 1 7  ? 7.473   -3.385 0.181   1.00 0.00 ? 7  LYS A HZ1  2 
ATOM   337  H HZ2  . LYS A 1 7  ? 7.600   -4.607 -0.992  1.00 0.00 ? 7  LYS A HZ2  2 
ATOM   338  H HZ3  . LYS A 1 7  ? 6.587   -4.820 0.355   1.00 0.00 ? 7  LYS A HZ3  2 
ATOM   339  N N    . SER A 1 8  ? -0.688  -1.454 0.696   1.00 0.00 ? 8  SER A N    2 
ATOM   340  C CA   . SER A 1 8  ? -1.952  -1.795 1.336   1.00 0.00 ? 8  SER A CA   2 
ATOM   341  C C    . SER A 1 8  ? -3.093  -1.750 0.325   1.00 0.00 ? 8  SER A C    2 
ATOM   342  O O    . SER A 1 8  ? -4.057  -2.508 0.429   1.00 0.00 ? 8  SER A O    2 
ATOM   343  C CB   . SER A 1 8  ? -2.240  -0.818 2.477   1.00 0.00 ? 8  SER A CB   2 
ATOM   344  O OG   . SER A 1 8  ? -3.566  -1.020 2.947   1.00 0.00 ? 8  SER A OG   2 
ATOM   345  H H    . SER A 1 8  ? -0.229  -0.625 0.949   1.00 0.00 ? 8  SER A H    2 
ATOM   346  H HA   . SER A 1 8  ? -1.882  -2.793 1.742   1.00 0.00 ? 8  SER A HA   2 
ATOM   347  H HB2  . SER A 1 8  ? -1.548  -0.990 3.284   1.00 0.00 ? 8  SER A HB2  2 
ATOM   348  H HB3  . SER A 1 8  ? -2.125  0.196  2.118   1.00 0.00 ? 8  SER A HB3  2 
ATOM   349  H HG   . SER A 1 8  ? -4.154  -0.474 2.421   1.00 0.00 ? 8  SER A HG   2 
ATOM   350  N N    . LEU A 1 9  ? -2.976  -0.856 -0.652  1.00 0.00 ? 9  LEU A N    2 
ATOM   351  C CA   . LEU A 1 9  ? -4.005  -0.723 -1.677  1.00 0.00 ? 9  LEU A CA   2 
ATOM   352  C C    . LEU A 1 9  ? -4.055  -1.978 -2.542  1.00 0.00 ? 9  LEU A C    2 
ATOM   353  O O    . LEU A 1 9  ? -5.127  -2.409 -2.966  1.00 0.00 ? 9  LEU A O    2 
ATOM   354  C CB   . LEU A 1 9  ? -3.712  0.500  -2.552  1.00 0.00 ? 9  LEU A CB   2 
ATOM   355  C CG   . LEU A 1 9  ? -4.797  0.652  -3.625  1.00 0.00 ? 9  LEU A CG   2 
ATOM   356  C CD1  . LEU A 1 9  ? -6.161  0.878  -2.961  1.00 0.00 ? 9  LEU A CD1  2 
ATOM   357  C CD2  . LEU A 1 9  ? -4.458  1.852  -4.514  1.00 0.00 ? 9  LEU A CD2  2 
ATOM   358  H H    . LEU A 1 9  ? -2.185  -0.279 -0.685  1.00 0.00 ? 9  LEU A H    2 
ATOM   359  H HA   . LEU A 1 9  ? -4.960  -0.590 -1.197  1.00 0.00 ? 9  LEU A HA   2 
ATOM   360  H HB2  . LEU A 1 9  ? -3.693  1.386  -1.933  1.00 0.00 ? 9  LEU A HB2  2 
ATOM   361  H HB3  . LEU A 1 9  ? -2.752  0.377  -3.030  1.00 0.00 ? 9  LEU A HB3  2 
ATOM   362  H HG   . LEU A 1 9  ? -4.836  -0.243 -4.230  1.00 0.00 ? 9  LEU A HG   2 
ATOM   363  H HD11 . LEU A 1 9  ? -6.034  1.464  -2.063  1.00 0.00 ? 9  LEU A HD11 2 
ATOM   364  H HD12 . LEU A 1 9  ? -6.601  -0.076 -2.710  1.00 0.00 ? 9  LEU A HD12 2 
ATOM   365  H HD13 . LEU A 1 9  ? -6.813  1.403  -3.644  1.00 0.00 ? 9  LEU A HD13 2 
ATOM   366  H HD21 . LEU A 1 9  ? -3.573  1.633  -5.092  1.00 0.00 ? 9  LEU A HD21 2 
ATOM   367  H HD22 . LEU A 1 9  ? -4.279  2.719  -3.895  1.00 0.00 ? 9  LEU A HD22 2 
ATOM   368  H HD23 . LEU A 1 9  ? -5.284  2.051  -5.181  1.00 0.00 ? 9  LEU A HD23 2 
ATOM   369  N N    . VAL A 1 10 ? -2.888  -2.557 -2.798  1.00 0.00 ? 10 VAL A N    2 
ATOM   370  C CA   . VAL A 1 10 ? -2.807  -3.763 -3.611  1.00 0.00 ? 10 VAL A CA   2 
ATOM   371  C C    . VAL A 1 10 ? -3.357  -4.962 -2.844  1.00 0.00 ? 10 VAL A C    2 
ATOM   372  O O    . VAL A 1 10 ? -3.723  -5.977 -3.438  1.00 0.00 ? 10 VAL A O    2 
ATOM   373  C CB   . VAL A 1 10 ? -1.353  -4.031 -4.005  1.00 0.00 ? 10 VAL A CB   2 
ATOM   374  C CG1  . VAL A 1 10 ? -1.295  -5.220 -4.967  1.00 0.00 ? 10 VAL A CG1  2 
ATOM   375  C CG2  . VAL A 1 10 ? -0.777  -2.791 -4.693  1.00 0.00 ? 10 VAL A CG2  2 
ATOM   376  H H    . VAL A 1 10 ? -2.067  -2.168 -2.431  1.00 0.00 ? 10 VAL A H    2 
ATOM   377  H HA   . VAL A 1 10 ? -3.390  -3.622 -4.508  1.00 0.00 ? 10 VAL A HA   2 
ATOM   378  H HB   . VAL A 1 10 ? -0.776  -4.256 -3.119  1.00 0.00 ? 10 VAL A HB   2 
ATOM   379  H HG11 . VAL A 1 10 ? -0.287  -5.332 -5.340  1.00 0.00 ? 10 VAL A HG11 2 
ATOM   380  H HG12 . VAL A 1 10 ? -1.969  -5.048 -5.792  1.00 0.00 ? 10 VAL A HG12 2 
ATOM   381  H HG13 . VAL A 1 10 ? -1.587  -6.119 -4.444  1.00 0.00 ? 10 VAL A HG13 2 
ATOM   382  H HG21 . VAL A 1 10 ? -1.288  -2.629 -5.630  1.00 0.00 ? 10 VAL A HG21 2 
ATOM   383  H HG22 . VAL A 1 10 ? 0.277   -2.940 -4.879  1.00 0.00 ? 10 VAL A HG22 2 
ATOM   384  H HG23 . VAL A 1 10 ? -0.912  -1.930 -4.055  1.00 0.00 ? 10 VAL A HG23 2 
ATOM   385  N N    . SER A 1 11 ? -3.416  -4.835 -1.523  1.00 0.00 ? 11 SER A N    2 
ATOM   386  C CA   . SER A 1 11 ? -3.926  -5.913 -0.684  1.00 0.00 ? 11 SER A CA   2 
ATOM   387  C C    . SER A 1 11 ? -5.451  -5.941 -0.719  1.00 0.00 ? 11 SER A C    2 
ATOM   388  O O    . SER A 1 11 ? -6.068  -6.973 -0.456  1.00 0.00 ? 11 SER A O    2 
ATOM   389  C CB   . SER A 1 11 ? -3.451  -5.722 0.757   1.00 0.00 ? 11 SER A CB   2 
ATOM   390  O OG   . SER A 1 11 ? -3.908  -6.811 1.550   1.00 0.00 ? 11 SER A OG   2 
ATOM   391  H H    . SER A 1 11 ? -3.111  -4.002 -1.105  1.00 0.00 ? 11 SER A H    2 
ATOM   392  H HA   . SER A 1 11 ? -3.549  -6.855 -1.053  1.00 0.00 ? 11 SER A HA   2 
ATOM   393  H HB2  . SER A 1 11 ? -2.375  -5.693 0.783   1.00 0.00 ? 11 SER A HB2  2 
ATOM   394  H HB3  . SER A 1 11 ? -3.844  -4.792 1.145   1.00 0.00 ? 11 SER A HB3  2 
ATOM   395  H HG   . SER A 1 11 ? -3.358  -7.572 1.351   1.00 0.00 ? 11 SER A HG   2 
ATOM   396  N N    . ASP A 1 12 ? -6.050  -4.801 -1.047  1.00 0.00 ? 12 ASP A N    2 
ATOM   397  C CA   . ASP A 1 12 ? -7.504  -4.706 -1.115  1.00 0.00 ? 12 ASP A CA   2 
ATOM   398  C C    . ASP A 1 12 ? -8.058  -5.692 -2.139  1.00 0.00 ? 12 ASP A C    2 
ATOM   399  O O    . ASP A 1 12 ? -9.164  -6.209 -1.980  1.00 0.00 ? 12 ASP A O    2 
ATOM   400  C CB   . ASP A 1 12 ? -7.917  -3.284 -1.498  1.00 0.00 ? 12 ASP A CB   2 
ATOM   401  C CG   . ASP A 1 12 ? -7.570  -2.319 -0.369  1.00 0.00 ? 12 ASP A CG   2 
ATOM   402  O OD1  . ASP A 1 12 ? -6.484  -2.439 0.174   1.00 0.00 ? 12 ASP A OD1  2 
ATOM   403  O OD2  . ASP A 1 12 ? -8.395  -1.474 -0.064  1.00 0.00 ? 12 ASP A OD2  2 
ATOM   404  H H    . ASP A 1 12 ? -5.506  -4.011 -1.247  1.00 0.00 ? 12 ASP A H    2 
ATOM   405  H HA   . ASP A 1 12 ? -7.916  -4.939 -0.145  1.00 0.00 ? 12 ASP A HA   2 
ATOM   406  H HB2  . ASP A 1 12 ? -7.394  -2.988 -2.395  1.00 0.00 ? 12 ASP A HB2  2 
ATOM   407  H HB3  . ASP A 1 12 ? -8.981  -3.256 -1.677  1.00 0.00 ? 12 ASP A HB3  2 
ATOM   408  N N    . PHE A 1 13 ? -7.282  -5.947 -3.189  1.00 0.00 ? 13 PHE A N    2 
ATOM   409  C CA   . PHE A 1 13 ? -7.691  -6.867 -4.235  1.00 0.00 ? 13 PHE A CA   2 
ATOM   410  C C    . PHE A 1 13 ? -6.926  -8.185 -4.119  1.00 0.00 ? 13 PHE A C    2 
ATOM   411  O O    . PHE A 1 13 ? -7.465  -9.249 -4.426  1.00 0.00 ? 13 PHE A O    2 
ATOM   412  C CB   . PHE A 1 13 ? -7.435  -6.205 -5.596  1.00 0.00 ? 13 PHE A CB   2 
ATOM   413  C CG   . PHE A 1 13 ? -6.397  -6.989 -6.351  1.00 0.00 ? 13 PHE A CG   2 
ATOM   414  C CD1  . PHE A 1 13 ? -6.771  -8.064 -7.161  1.00 0.00 ? 13 PHE A CD1  2 
ATOM   415  C CD2  . PHE A 1 13 ? -5.049  -6.642 -6.218  1.00 0.00 ? 13 PHE A CD2  2 
ATOM   416  C CE1  . PHE A 1 13 ? -5.791  -8.792 -7.843  1.00 0.00 ? 13 PHE A CE1  2 
ATOM   417  C CE2  . PHE A 1 13 ? -4.071  -7.369 -6.895  1.00 0.00 ? 13 PHE A CE2  2 
ATOM   418  C CZ   . PHE A 1 13 ? -4.441  -8.443 -7.707  1.00 0.00 ? 13 PHE A CZ   2 
ATOM   419  H H    . PHE A 1 13 ? -6.409  -5.509 -3.266  1.00 0.00 ? 13 PHE A H    2 
ATOM   420  H HA   . PHE A 1 13 ? -8.749  -7.067 -4.138  1.00 0.00 ? 13 PHE A HA   2 
ATOM   421  H HB2  . PHE A 1 13 ? -8.352  -6.181 -6.164  1.00 0.00 ? 13 PHE A HB2  2 
ATOM   422  H HB3  . PHE A 1 13 ? -7.082  -5.196 -5.445  1.00 0.00 ? 13 PHE A HB3  2 
ATOM   423  H HD1  . PHE A 1 13 ? -7.813  -8.330 -7.263  1.00 0.00 ? 13 PHE A HD1  2 
ATOM   424  H HD2  . PHE A 1 13 ? -4.765  -5.809 -5.591  1.00 0.00 ? 13 PHE A HD2  2 
ATOM   425  H HE1  . PHE A 1 13 ? -6.075  -9.622 -8.471  1.00 0.00 ? 13 PHE A HE1  2 
ATOM   426  H HE2  . PHE A 1 13 ? -3.030  -7.101 -6.792  1.00 0.00 ? 13 PHE A HE2  2 
ATOM   427  H HZ   . PHE A 1 13 ? -3.687  -9.003 -8.225  1.00 0.00 ? 13 PHE A HZ   2 
HETATM 428  N N    . NH2 A 1 14 ? -5.693  -8.176 -3.690  1.00 0.00 ? 14 NH2 A N    2 
HETATM 429  H HN1  . NH2 A 1 14 ? -5.265  -7.329 -3.446  1.00 0.00 ? 14 NH2 A HN1  2 
HETATM 430  H HN2  . NH2 A 1 14 ? -5.195  -9.017 -3.612  1.00 0.00 ? 14 NH2 A HN2  2 
ATOM   431  N N    . GLY A 1 1  ? 6.861   7.407  -1.688  1.00 0.00 ? 1  GLY A N    3 
ATOM   432  C CA   . GLY A 1 1  ? 7.296   6.013  -1.987  1.00 0.00 ? 1  GLY A CA   3 
ATOM   433  C C    . GLY A 1 1  ? 6.151   5.252  -2.646  1.00 0.00 ? 1  GLY A C    3 
ATOM   434  O O    . GLY A 1 1  ? 5.022   5.263  -2.154  1.00 0.00 ? 1  GLY A O    3 
ATOM   435  H H1   . GLY A 1 1  ? 6.373   7.429  -0.771  1.00 0.00 ? 1  GLY A H1   3 
ATOM   436  H H2   . GLY A 1 1  ? 6.215   7.736  -2.434  1.00 0.00 ? 1  GLY A H2   3 
ATOM   437  H H3   . GLY A 1 1  ? 7.693   8.030  -1.649  1.00 0.00 ? 1  GLY A H3   3 
ATOM   438  H HA2  . GLY A 1 1  ? 8.145   6.038  -2.656  1.00 0.00 ? 1  GLY A HA2  3 
ATOM   439  H HA3  . GLY A 1 1  ? 7.573   5.517  -1.070  1.00 0.00 ? 1  GLY A HA3  3 
ATOM   440  N N    . LEU A 1 2  ? 6.448   4.595  -3.761  1.00 0.00 ? 2  LEU A N    3 
ATOM   441  C CA   . LEU A 1 2  ? 5.434   3.832  -4.480  1.00 0.00 ? 2  LEU A CA   3 
ATOM   442  C C    . LEU A 1 2  ? 5.184   2.495  -3.794  1.00 0.00 ? 2  LEU A C    3 
ATOM   443  O O    . LEU A 1 2  ? 4.046   2.149  -3.479  1.00 0.00 ? 2  LEU A O    3 
ATOM   444  C CB   . LEU A 1 2  ? 5.890   3.590  -5.924  1.00 0.00 ? 2  LEU A CB   3 
ATOM   445  C CG   . LEU A 1 2  ? 4.678   3.254  -6.806  1.00 0.00 ? 2  LEU A CG   3 
ATOM   446  C CD1  . LEU A 1 2  ? 4.041   4.546  -7.327  1.00 0.00 ? 2  LEU A CD1  3 
ATOM   447  C CD2  . LEU A 1 2  ? 5.131   2.401  -7.994  1.00 0.00 ? 2  LEU A CD2  3 
ATOM   448  H H    . LEU A 1 2  ? 7.365   4.623  -4.107  1.00 0.00 ? 2  LEU A H    3 
ATOM   449  H HA   . LEU A 1 2  ? 4.517   4.394  -4.493  1.00 0.00 ? 2  LEU A HA   3 
ATOM   450  H HB2  . LEU A 1 2  ? 6.378   4.478  -6.298  1.00 0.00 ? 2  LEU A HB2  3 
ATOM   451  H HB3  . LEU A 1 2  ? 6.588   2.765  -5.944  1.00 0.00 ? 2  LEU A HB3  3 
ATOM   452  H HG   . LEU A 1 2  ? 3.951   2.704  -6.225  1.00 0.00 ? 2  LEU A HG   3 
ATOM   453  H HD11 . LEU A 1 2  ? 3.226   4.301  -7.992  1.00 0.00 ? 2  LEU A HD11 3 
ATOM   454  H HD12 . LEU A 1 2  ? 4.780   5.123  -7.862  1.00 0.00 ? 2  LEU A HD12 3 
ATOM   455  H HD13 . LEU A 1 2  ? 3.665   5.125  -6.497  1.00 0.00 ? 2  LEU A HD13 3 
ATOM   456  H HD21 . LEU A 1 2  ? 6.018   2.837  -8.432  1.00 0.00 ? 2  LEU A HD21 3 
ATOM   457  H HD22 . LEU A 1 2  ? 4.345   2.366  -8.733  1.00 0.00 ? 2  LEU A HD22 3 
ATOM   458  H HD23 . LEU A 1 2  ? 5.352   1.400  -7.655  1.00 0.00 ? 2  LEU A HD23 3 
ATOM   459  N N    . PHE A 1 3  ? 6.258   1.751  -3.567  1.00 0.00 ? 3  PHE A N    3 
ATOM   460  C CA   . PHE A 1 3  ? 6.151   0.449  -2.918  1.00 0.00 ? 3  PHE A CA   3 
ATOM   461  C C    . PHE A 1 3  ? 5.503   0.587  -1.545  1.00 0.00 ? 3  PHE A C    3 
ATOM   462  O O    . PHE A 1 3  ? 4.965   -0.378 -1.001  1.00 0.00 ? 3  PHE A O    3 
ATOM   463  C CB   . PHE A 1 3  ? 7.541   -0.175 -2.768  1.00 0.00 ? 3  PHE A CB   3 
ATOM   464  C CG   . PHE A 1 3  ? 7.406   -1.602 -2.291  1.00 0.00 ? 3  PHE A CG   3 
ATOM   465  C CD1  . PHE A 1 3  ? 7.325   -1.880 -0.920  1.00 0.00 ? 3  PHE A CD1  3 
ATOM   466  C CD2  . PHE A 1 3  ? 7.367   -2.649 -3.220  1.00 0.00 ? 3  PHE A CD2  3 
ATOM   467  C CE1  . PHE A 1 3  ? 7.204   -3.204 -0.480  1.00 0.00 ? 3  PHE A CE1  3 
ATOM   468  C CE2  . PHE A 1 3  ? 7.247   -3.972 -2.780  1.00 0.00 ? 3  PHE A CE2  3 
ATOM   469  C CZ   . PHE A 1 3  ? 7.165   -4.249 -1.410  1.00 0.00 ? 3  PHE A CZ   3 
ATOM   470  H H    . PHE A 1 3  ? 7.137   2.082  -3.844  1.00 0.00 ? 3  PHE A H    3 
ATOM   471  H HA   . PHE A 1 3  ? 5.543   -0.198 -3.530  1.00 0.00 ? 3  PHE A HA   3 
ATOM   472  H HB2  . PHE A 1 3  ? 8.046   -0.160 -3.722  1.00 0.00 ? 3  PHE A HB2  3 
ATOM   473  H HB3  . PHE A 1 3  ? 8.114   0.390  -2.049  1.00 0.00 ? 3  PHE A HB3  3 
ATOM   474  H HD1  . PHE A 1 3  ? 7.354   -1.073 -0.203  1.00 0.00 ? 3  PHE A HD1  3 
ATOM   475  H HD2  . PHE A 1 3  ? 7.428   -2.436 -4.276  1.00 0.00 ? 3  PHE A HD2  3 
ATOM   476  H HE1  . PHE A 1 3  ? 7.142   -3.418 0.577   1.00 0.00 ? 3  PHE A HE1  3 
ATOM   477  H HE2  . PHE A 1 3  ? 7.216   -4.779 -3.496  1.00 0.00 ? 3  PHE A HE2  3 
ATOM   478  H HZ   . PHE A 1 3  ? 7.073   -5.271 -1.069  1.00 0.00 ? 3  PHE A HZ   3 
ATOM   479  N N    . ASP A 1 4  ? 5.557   1.793  -0.989  1.00 0.00 ? 4  ASP A N    3 
ATOM   480  C CA   . ASP A 1 4  ? 4.972   2.047  0.320   1.00 0.00 ? 4  ASP A CA   3 
ATOM   481  C C    . ASP A 1 4  ? 3.460   2.212  0.207   1.00 0.00 ? 4  ASP A C    3 
ATOM   482  O O    . ASP A 1 4  ? 2.736   2.078  1.194   1.00 0.00 ? 4  ASP A O    3 
ATOM   483  C CB   . ASP A 1 4  ? 5.586   3.313  0.923   1.00 0.00 ? 4  ASP A CB   3 
ATOM   484  C CG   . ASP A 1 4  ? 6.971   3.006  1.486   1.00 0.00 ? 4  ASP A CG   3 
ATOM   485  O OD1  . ASP A 1 4  ? 7.557   2.024  1.061   1.00 0.00 ? 4  ASP A OD1  3 
ATOM   486  O OD2  . ASP A 1 4  ? 7.424   3.759  2.331   1.00 0.00 ? 4  ASP A OD2  3 
ATOM   487  H H    . ASP A 1 4  ? 5.998   2.525  -1.467  1.00 0.00 ? 4  ASP A H    3 
ATOM   488  H HA   . ASP A 1 4  ? 5.186   1.211  0.969   1.00 0.00 ? 4  ASP A HA   3 
ATOM   489  H HB2  . ASP A 1 4  ? 5.670   4.068  0.156   1.00 0.00 ? 4  ASP A HB2  3 
ATOM   490  H HB3  . ASP A 1 4  ? 4.952   3.676  1.715   1.00 0.00 ? 4  ASP A HB3  3 
ATOM   491  N N    . LYS A 1 5  ? 2.992   2.508  -1.000  1.00 0.00 ? 5  LYS A N    3 
ATOM   492  C CA   . LYS A 1 5  ? 1.564   2.696  -1.232  1.00 0.00 ? 5  LYS A CA   3 
ATOM   493  C C    . LYS A 1 5  ? 0.855   1.350  -1.359  1.00 0.00 ? 5  LYS A C    3 
ATOM   494  O O    . LYS A 1 5  ? -0.355  1.256  -1.151  1.00 0.00 ? 5  LYS A O    3 
ATOM   495  C CB   . LYS A 1 5  ? 1.346   3.514  -2.509  1.00 0.00 ? 5  LYS A CB   3 
ATOM   496  C CG   . LYS A 1 5  ? -0.081  4.079  -2.530  1.00 0.00 ? 5  LYS A CG   3 
ATOM   497  C CD   . LYS A 1 5  ? -0.118  5.426  -1.800  1.00 0.00 ? 5  LYS A CD   3 
ATOM   498  C CE   . LYS A 1 5  ? -1.531  6.007  -1.875  1.00 0.00 ? 5  LYS A CE   3 
ATOM   499  N NZ   . LYS A 1 5  ? -2.438  5.224  -0.988  1.00 0.00 ? 5  LYS A NZ   3 
ATOM   500  H H    . LYS A 1 5  ? 3.617   2.606  -1.749  1.00 0.00 ? 5  LYS A H    3 
ATOM   501  H HA   . LYS A 1 5  ? 1.143   3.234  -0.397  1.00 0.00 ? 5  LYS A HA   3 
ATOM   502  H HB2  . LYS A 1 5  ? 2.058   4.326  -2.540  1.00 0.00 ? 5  LYS A HB2  3 
ATOM   503  H HB3  . LYS A 1 5  ? 1.490   2.878  -3.370  1.00 0.00 ? 5  LYS A HB3  3 
ATOM   504  H HG2  . LYS A 1 5  ? -0.396  4.219  -3.554  1.00 0.00 ? 5  LYS A HG2  3 
ATOM   505  H HG3  . LYS A 1 5  ? -0.752  3.389  -2.040  1.00 0.00 ? 5  LYS A HG3  3 
ATOM   506  H HD2  . LYS A 1 5  ? 0.159   5.283  -0.765  1.00 0.00 ? 5  LYS A HD2  3 
ATOM   507  H HD3  . LYS A 1 5  ? 0.575   6.108  -2.269  1.00 0.00 ? 5  LYS A HD3  3 
ATOM   508  H HE2  . LYS A 1 5  ? -1.513  7.038  -1.552  1.00 0.00 ? 5  LYS A HE2  3 
ATOM   509  H HE3  . LYS A 1 5  ? -1.889  5.955  -2.892  1.00 0.00 ? 5  LYS A HE3  3 
ATOM   510  H HZ1  . LYS A 1 5  ? -3.089  5.871  -0.500  1.00 0.00 ? 5  LYS A HZ1  3 
ATOM   511  H HZ2  . LYS A 1 5  ? -1.872  4.705  -0.286  1.00 0.00 ? 5  LYS A HZ2  3 
ATOM   512  H HZ3  . LYS A 1 5  ? -2.985  4.551  -1.561  1.00 0.00 ? 5  LYS A HZ3  3 
ATOM   513  N N    . LEU A 1 6  ? 1.609   0.311  -1.704  1.00 0.00 ? 6  LEU A N    3 
ATOM   514  C CA   . LEU A 1 6  ? 1.029   -1.019 -1.856  1.00 0.00 ? 6  LEU A CA   3 
ATOM   515  C C    . LEU A 1 6  ? 0.768   -1.651 -0.490  1.00 0.00 ? 6  LEU A C    3 
ATOM   516  O O    . LEU A 1 6  ? -0.177  -2.420 -0.323  1.00 0.00 ? 6  LEU A O    3 
ATOM   517  C CB   . LEU A 1 6  ? 1.960   -1.910 -2.700  1.00 0.00 ? 6  LEU A CB   3 
ATOM   518  C CG   . LEU A 1 6  ? 2.961   -2.658 -1.802  1.00 0.00 ? 6  LEU A CG   3 
ATOM   519  C CD1  . LEU A 1 6  ? 2.307   -3.917 -1.201  1.00 0.00 ? 6  LEU A CD1  3 
ATOM   520  C CD2  . LEU A 1 6  ? 4.183   -3.065 -2.636  1.00 0.00 ? 6  LEU A CD2  3 
ATOM   521  H H    . LEU A 1 6  ? 2.568   0.440  -1.861  1.00 0.00 ? 6  LEU A H    3 
ATOM   522  H HA   . LEU A 1 6  ? 0.085   -0.922 -2.374  1.00 0.00 ? 6  LEU A HA   3 
ATOM   523  H HB2  . LEU A 1 6  ? 1.368   -2.625 -3.253  1.00 0.00 ? 6  LEU A HB2  3 
ATOM   524  H HB3  . LEU A 1 6  ? 2.504   -1.288 -3.396  1.00 0.00 ? 6  LEU A HB3  3 
ATOM   525  H HG   . LEU A 1 6  ? 3.279   -2.006 -1.001  1.00 0.00 ? 6  LEU A HG   3 
ATOM   526  H HD11 . LEU A 1 6  ? 2.807   -4.800 -1.573  1.00 0.00 ? 6  LEU A HD11 3 
ATOM   527  H HD12 . LEU A 1 6  ? 1.263   -3.957 -1.473  1.00 0.00 ? 6  LEU A HD12 3 
ATOM   528  H HD13 . LEU A 1 6  ? 2.394   -3.885 -0.126  1.00 0.00 ? 6  LEU A HD13 3 
ATOM   529  H HD21 . LEU A 1 6  ? 3.862   -3.390 -3.615  1.00 0.00 ? 6  LEU A HD21 3 
ATOM   530  H HD22 . LEU A 1 6  ? 4.704   -3.873 -2.143  1.00 0.00 ? 6  LEU A HD22 3 
ATOM   531  H HD23 . LEU A 1 6  ? 4.846   -2.221 -2.738  1.00 0.00 ? 6  LEU A HD23 3 
ATOM   532  N N    . LYS A 1 7  ? 1.611   -1.321 0.484   1.00 0.00 ? 7  LYS A N    3 
ATOM   533  C CA   . LYS A 1 7  ? 1.460   -1.863 1.826   1.00 0.00 ? 7  LYS A CA   3 
ATOM   534  C C    . LYS A 1 7  ? 0.201   -1.313 2.486   1.00 0.00 ? 7  LYS A C    3 
ATOM   535  O O    . LYS A 1 7  ? -0.441  -1.995 3.287   1.00 0.00 ? 7  LYS A O    3 
ATOM   536  C CB   . LYS A 1 7  ? 2.685   -1.502 2.668   1.00 0.00 ? 7  LYS A CB   3 
ATOM   537  C CG   . LYS A 1 7  ? 3.962   -1.765 1.863   1.00 0.00 ? 7  LYS A CG   3 
ATOM   538  C CD   . LYS A 1 7  ? 5.139   -1.993 2.816   1.00 0.00 ? 7  LYS A CD   3 
ATOM   539  C CE   . LYS A 1 7  ? 5.381   -0.730 3.645   1.00 0.00 ? 7  LYS A CE   3 
ATOM   540  N NZ   . LYS A 1 7  ? 6.597   -0.913 4.487   1.00 0.00 ? 7  LYS A NZ   3 
ATOM   541  H H    . LYS A 1 7  ? 2.349   -0.705 0.296   1.00 0.00 ? 7  LYS A H    3 
ATOM   542  H HA   . LYS A 1 7  ? 1.384   -2.938 1.765   1.00 0.00 ? 7  LYS A HA   3 
ATOM   543  H HB2  . LYS A 1 7  ? 2.638   -0.457 2.940   1.00 0.00 ? 7  LYS A HB2  3 
ATOM   544  H HB3  . LYS A 1 7  ? 2.693   -2.105 3.561   1.00 0.00 ? 7  LYS A HB3  3 
ATOM   545  H HG2  . LYS A 1 7  ? 3.825   -2.643 1.246   1.00 0.00 ? 7  LYS A HG2  3 
ATOM   546  H HG3  . LYS A 1 7  ? 4.172   -0.914 1.233   1.00 0.00 ? 7  LYS A HG3  3 
ATOM   547  H HD2  . LYS A 1 7  ? 4.915   -2.819 3.475   1.00 0.00 ? 7  LYS A HD2  3 
ATOM   548  H HD3  . LYS A 1 7  ? 6.026   -2.220 2.244   1.00 0.00 ? 7  LYS A HD3  3 
ATOM   549  H HE2  . LYS A 1 7  ? 5.525   0.112  2.984   1.00 0.00 ? 7  LYS A HE2  3 
ATOM   550  H HE3  . LYS A 1 7  ? 4.528   -0.547 4.280   1.00 0.00 ? 7  LYS A HE3  3 
ATOM   551  H HZ1  . LYS A 1 7  ? 6.390   -1.584 5.254   1.00 0.00 ? 7  LYS A HZ1  3 
ATOM   552  H HZ2  . LYS A 1 7  ? 6.879   0.003  4.892   1.00 0.00 ? 7  LYS A HZ2  3 
ATOM   553  H HZ3  . LYS A 1 7  ? 7.371   -1.288 3.902   1.00 0.00 ? 7  LYS A HZ3  3 
ATOM   554  N N    . SER A 1 8  ? -0.149  -0.079 2.144   1.00 0.00 ? 8  SER A N    3 
ATOM   555  C CA   . SER A 1 8  ? -1.337  0.554  2.708   1.00 0.00 ? 8  SER A CA   3 
ATOM   556  C C    . SER A 1 8  ? -2.582  0.141  1.931   1.00 0.00 ? 8  SER A C    3 
ATOM   557  O O    . SER A 1 8  ? -3.698  0.211  2.444   1.00 0.00 ? 8  SER A O    3 
ATOM   558  C CB   . SER A 1 8  ? -1.188  2.075  2.666   1.00 0.00 ? 8  SER A CB   3 
ATOM   559  O OG   . SER A 1 8  ? 0.102   2.433  3.146   1.00 0.00 ? 8  SER A OG   3 
ATOM   560  H H    . SER A 1 8  ? 0.399   0.415  1.500   1.00 0.00 ? 8  SER A H    3 
ATOM   561  H HA   . SER A 1 8  ? -1.447  0.243  3.736   1.00 0.00 ? 8  SER A HA   3 
ATOM   562  H HB2  . SER A 1 8  ? -1.298  2.421  1.652   1.00 0.00 ? 8  SER A HB2  3 
ATOM   563  H HB3  . SER A 1 8  ? -1.952  2.528  3.284   1.00 0.00 ? 8  SER A HB3  3 
ATOM   564  H HG   . SER A 1 8  ? 0.328   1.836  3.862   1.00 0.00 ? 8  SER A HG   3 
ATOM   565  N N    . LEU A 1 9  ? -2.383  -0.291 0.689   1.00 0.00 ? 9  LEU A N    3 
ATOM   566  C CA   . LEU A 1 9  ? -3.498  -0.714 -0.150  1.00 0.00 ? 9  LEU A CA   3 
ATOM   567  C C    . LEU A 1 9  ? -4.015  -2.077 0.300   1.00 0.00 ? 9  LEU A C    3 
ATOM   568  O O    . LEU A 1 9  ? -5.178  -2.415 0.077   1.00 0.00 ? 9  LEU A O    3 
ATOM   569  C CB   . LEU A 1 9  ? -3.053  -0.787 -1.615  1.00 0.00 ? 9  LEU A CB   3 
ATOM   570  C CG   . LEU A 1 9  ? -4.281  -0.731 -2.537  1.00 0.00 ? 9  LEU A CG   3 
ATOM   571  C CD1  . LEU A 1 9  ? -4.658  0.729  -2.813  1.00 0.00 ? 9  LEU A CD1  3 
ATOM   572  C CD2  . LEU A 1 9  ? -3.957  -1.425 -3.863  1.00 0.00 ? 9  LEU A CD2  3 
ATOM   573  H H    . LEU A 1 9  ? -1.471  -0.325 0.331   1.00 0.00 ? 9  LEU A H    3 
ATOM   574  H HA   . LEU A 1 9  ? -4.295  0.009  -0.062  1.00 0.00 ? 9  LEU A HA   3 
ATOM   575  H HB2  . LEU A 1 9  ? -2.397  0.044  -1.832  1.00 0.00 ? 9  LEU A HB2  3 
ATOM   576  H HB3  . LEU A 1 9  ? -2.523  -1.713 -1.781  1.00 0.00 ? 9  LEU A HB3  3 
ATOM   577  H HG   . LEU A 1 9  ? -5.112  -1.231 -2.062  1.00 0.00 ? 9  LEU A HG   3 
ATOM   578  H HD11 . LEU A 1 9  ? -5.470  0.761  -3.523  1.00 0.00 ? 9  LEU A HD11 3 
ATOM   579  H HD12 . LEU A 1 9  ? -3.804  1.251  -3.219  1.00 0.00 ? 9  LEU A HD12 3 
ATOM   580  H HD13 . LEU A 1 9  ? -4.967  1.203  -1.893  1.00 0.00 ? 9  LEU A HD13 3 
ATOM   581  H HD21 . LEU A 1 9  ? -4.810  -1.359 -4.522  1.00 0.00 ? 9  LEU A HD21 3 
ATOM   582  H HD22 . LEU A 1 9  ? -3.724  -2.463 -3.679  1.00 0.00 ? 9  LEU A HD22 3 
ATOM   583  H HD23 . LEU A 1 9  ? -3.107  -0.943 -4.324  1.00 0.00 ? 9  LEU A HD23 3 
ATOM   584  N N    . VAL A 1 10 ? -3.143  -2.855 0.933   1.00 0.00 ? 10 VAL A N    3 
ATOM   585  C CA   . VAL A 1 10 ? -3.522  -4.179 1.410   1.00 0.00 ? 10 VAL A CA   3 
ATOM   586  C C    . VAL A 1 10 ? -4.544  -4.068 2.537   1.00 0.00 ? 10 VAL A C    3 
ATOM   587  O O    . VAL A 1 10 ? -5.399  -4.938 2.703   1.00 0.00 ? 10 VAL A O    3 
ATOM   588  C CB   . VAL A 1 10 ? -2.282  -4.928 1.908   1.00 0.00 ? 10 VAL A CB   3 
ATOM   589  C CG1  . VAL A 1 10 ? -2.706  -6.220 2.613   1.00 0.00 ? 10 VAL A CG1  3 
ATOM   590  C CG2  . VAL A 1 10 ? -1.384  -5.273 0.717   1.00 0.00 ? 10 VAL A CG2  3 
ATOM   591  H H    . VAL A 1 10 ? -2.230  -2.532 1.082   1.00 0.00 ? 10 VAL A H    3 
ATOM   592  H HA   . VAL A 1 10 ? -3.959  -4.734 0.595   1.00 0.00 ? 10 VAL A HA   3 
ATOM   593  H HB   . VAL A 1 10 ? -1.738  -4.303 2.601   1.00 0.00 ? 10 VAL A HB   3 
ATOM   594  H HG11 . VAL A 1 10 ? -3.456  -6.723 2.021   1.00 0.00 ? 10 VAL A HG11 3 
ATOM   595  H HG12 . VAL A 1 10 ? -3.114  -5.982 3.584   1.00 0.00 ? 10 VAL A HG12 3 
ATOM   596  H HG13 . VAL A 1 10 ? -1.848  -6.865 2.731   1.00 0.00 ? 10 VAL A HG13 3 
ATOM   597  H HG21 . VAL A 1 10 ? -0.396  -5.526 1.072   1.00 0.00 ? 10 VAL A HG21 3 
ATOM   598  H HG22 . VAL A 1 10 ? -1.321  -4.422 0.055   1.00 0.00 ? 10 VAL A HG22 3 
ATOM   599  H HG23 . VAL A 1 10 ? -1.801  -6.114 0.181   1.00 0.00 ? 10 VAL A HG23 3 
ATOM   600  N N    . SER A 1 11 ? -4.452  -2.988 3.309   1.00 0.00 ? 11 SER A N    3 
ATOM   601  C CA   . SER A 1 11 ? -5.375  -2.773 4.416   1.00 0.00 ? 11 SER A CA   3 
ATOM   602  C C    . SER A 1 11 ? -6.782  -2.499 3.892   1.00 0.00 ? 11 SER A C    3 
ATOM   603  O O    . SER A 1 11 ? -7.773  -2.810 4.553   1.00 0.00 ? 11 SER A O    3 
ATOM   604  C CB   . SER A 1 11 ? -4.908  -1.593 5.267   1.00 0.00 ? 11 SER A CB   3 
ATOM   605  O OG   . SER A 1 11 ? -5.609  -1.599 6.504   1.00 0.00 ? 11 SER A OG   3 
ATOM   606  H H    . SER A 1 11 ? -3.751  -2.327 3.130   1.00 0.00 ? 11 SER A H    3 
ATOM   607  H HA   . SER A 1 11 ? -5.398  -3.660 5.032   1.00 0.00 ? 11 SER A HA   3 
ATOM   608  H HB2  . SER A 1 11 ? -3.851  -1.680 5.458   1.00 0.00 ? 11 SER A HB2  3 
ATOM   609  H HB3  . SER A 1 11 ? -5.100  -0.670 4.737   1.00 0.00 ? 11 SER A HB3  3 
ATOM   610  H HG   . SER A 1 11 ? -5.056  -2.036 7.156   1.00 0.00 ? 11 SER A HG   3 
ATOM   611  N N    . ASP A 1 12 ? -6.860  -1.916 2.701   1.00 0.00 ? 12 ASP A N    3 
ATOM   612  C CA   . ASP A 1 12 ? -8.149  -1.604 2.095   1.00 0.00 ? 12 ASP A CA   3 
ATOM   613  C C    . ASP A 1 12 ? -8.729  -2.835 1.404   1.00 0.00 ? 12 ASP A C    3 
ATOM   614  O O    . ASP A 1 12 ? -9.682  -3.440 1.893   1.00 0.00 ? 12 ASP A O    3 
ATOM   615  C CB   . ASP A 1 12 ? -7.988  -0.475 1.075   1.00 0.00 ? 12 ASP A CB   3 
ATOM   616  C CG   . ASP A 1 12 ? -7.482  0.785  1.767   1.00 0.00 ? 12 ASP A CG   3 
ATOM   617  O OD1  . ASP A 1 12 ? -6.558  0.674  2.556   1.00 0.00 ? 12 ASP A OD1  3 
ATOM   618  O OD2  . ASP A 1 12 ? -8.026  1.844  1.499   1.00 0.00 ? 12 ASP A OD2  3 
ATOM   619  H H    . ASP A 1 12 ? -6.036  -1.692 2.221   1.00 0.00 ? 12 ASP A H    3 
ATOM   620  H HA   . ASP A 1 12 ? -8.832  -1.281 2.866   1.00 0.00 ? 12 ASP A HA   3 
ATOM   621  H HB2  . ASP A 1 12 ? -7.280  -0.776 0.316   1.00 0.00 ? 12 ASP A HB2  3 
ATOM   622  H HB3  . ASP A 1 12 ? -8.942  -0.270 0.613   1.00 0.00 ? 12 ASP A HB3  3 
ATOM   623  N N    . PHE A 1 13 ? -8.145  -3.198 0.266   1.00 0.00 ? 13 PHE A N    3 
ATOM   624  C CA   . PHE A 1 13 ? -8.598  -4.351 -0.492  1.00 0.00 ? 13 PHE A CA   3 
ATOM   625  C C    . PHE A 1 13 ? -7.619  -5.515 -0.332  1.00 0.00 ? 13 PHE A C    3 
ATOM   626  O O    . PHE A 1 13 ? -7.971  -6.666 -0.589  1.00 0.00 ? 13 PHE A O    3 
ATOM   627  C CB   . PHE A 1 13 ? -8.730  -3.947 -1.966  1.00 0.00 ? 13 PHE A CB   3 
ATOM   628  C CG   . PHE A 1 13 ? -7.748  -4.731 -2.794  1.00 0.00 ? 13 PHE A CG   3 
ATOM   629  C CD1  . PHE A 1 13 ? -6.410  -4.326 -2.829  1.00 0.00 ? 13 PHE A CD1  3 
ATOM   630  C CD2  . PHE A 1 13 ? -8.162  -5.858 -3.508  1.00 0.00 ? 13 PHE A CD2  3 
ATOM   631  C CE1  . PHE A 1 13 ? -5.483  -5.045 -3.580  1.00 0.00 ? 13 PHE A CE1  3 
ATOM   632  C CE2  . PHE A 1 13 ? -7.231  -6.581 -4.260  1.00 0.00 ? 13 PHE A CE2  3 
ATOM   633  C CZ   . PHE A 1 13 ? -5.893  -6.173 -4.295  1.00 0.00 ? 13 PHE A CZ   3 
ATOM   634  H H    . PHE A 1 13 ? -7.387  -2.680 -0.079  1.00 0.00 ? 13 PHE A H    3 
ATOM   635  H HA   . PHE A 1 13 ? -9.567  -4.657 -0.125  1.00 0.00 ? 13 PHE A HA   3 
ATOM   636  H HB2  . PHE A 1 13 ? -9.732  -4.150 -2.308  1.00 0.00 ? 13 PHE A HB2  3 
ATOM   637  H HB3  . PHE A 1 13 ? -8.523  -2.892 -2.070  1.00 0.00 ? 13 PHE A HB3  3 
ATOM   638  H HD1  . PHE A 1 13 ? -6.097  -3.453 -2.275  1.00 0.00 ? 13 PHE A HD1  3 
ATOM   639  H HD2  . PHE A 1 13 ? -9.196  -6.170 -3.479  1.00 0.00 ? 13 PHE A HD2  3 
ATOM   640  H HE1  . PHE A 1 13 ? -4.451  -4.731 -3.608  1.00 0.00 ? 13 PHE A HE1  3 
ATOM   641  H HE2  . PHE A 1 13 ? -7.546  -7.454 -4.813  1.00 0.00 ? 13 PHE A HE2  3 
ATOM   642  H HZ   . PHE A 1 13 ? -5.176  -6.728 -4.870  1.00 0.00 ? 13 PHE A HZ   3 
HETATM 643  N N    . NH2 A 1 14 ? -6.403  -5.279 0.079   1.00 0.00 ? 14 NH2 A N    3 
HETATM 644  H HN1  . NH2 A 1 14 ? -6.124  -4.362 0.283   1.00 0.00 ? 14 NH2 A HN1  3 
HETATM 645  H HN2  . NH2 A 1 14 ? -5.769  -6.018 0.184   1.00 0.00 ? 14 NH2 A HN2  3 
ATOM   646  N N    . GLY A 1 1  ? 8.323   0.961  -4.968  1.00 0.00 ? 1  GLY A N    4 
ATOM   647  C CA   . GLY A 1 1  ? 7.892   0.368  -6.265  1.00 0.00 ? 1  GLY A CA   4 
ATOM   648  C C    . GLY A 1 1  ? 6.369   0.379  -6.350  1.00 0.00 ? 1  GLY A C    4 
ATOM   649  O O    . GLY A 1 1  ? 5.710   1.221  -5.742  1.00 0.00 ? 1  GLY A O    4 
ATOM   650  H H1   . GLY A 1 1  ? 8.343   1.997  -5.050  1.00 0.00 ? 1  GLY A H1   4 
ATOM   651  H H2   . GLY A 1 1  ? 9.274   0.613  -4.726  1.00 0.00 ? 1  GLY A H2   4 
ATOM   652  H H3   . GLY A 1 1  ? 7.654   0.688  -4.221  1.00 0.00 ? 1  GLY A H3   4 
ATOM   653  H HA2  . GLY A 1 1  ? 8.304   0.946  -7.080  1.00 0.00 ? 1  GLY A HA2  4 
ATOM   654  H HA3  . GLY A 1 1  ? 8.245   -0.651 -6.330  1.00 0.00 ? 1  GLY A HA3  4 
ATOM   655  N N    . LEU A 1 2  ? 5.818   -0.562 -7.109  1.00 0.00 ? 2  LEU A N    4 
ATOM   656  C CA   . LEU A 1 2  ? 4.371   -0.652 -7.268  1.00 0.00 ? 2  LEU A CA   4 
ATOM   657  C C    . LEU A 1 2  ? 3.739   -1.293 -6.038  1.00 0.00 ? 2  LEU A C    4 
ATOM   658  O O    . LEU A 1 2  ? 2.794   -0.757 -5.459  1.00 0.00 ? 2  LEU A O    4 
ATOM   659  C CB   . LEU A 1 2  ? 4.033   -1.480 -8.512  1.00 0.00 ? 2  LEU A CB   4 
ATOM   660  C CG   . LEU A 1 2  ? 2.619   -1.134 -9.004  1.00 0.00 ? 2  LEU A CG   4 
ATOM   661  C CD1  . LEU A 1 2  ? 2.676   0.076  -9.940  1.00 0.00 ? 2  LEU A CD1  4 
ATOM   662  C CD2  . LEU A 1 2  ? 2.036   -2.330 -9.762  1.00 0.00 ? 2  LEU A CD2  4 
ATOM   663  H H    . LEU A 1 2  ? 6.393   -1.207 -7.571  1.00 0.00 ? 2  LEU A H    4 
ATOM   664  H HA   . LEU A 1 2  ? 3.971   0.340  -7.387  1.00 0.00 ? 2  LEU A HA   4 
ATOM   665  H HB2  . LEU A 1 2  ? 4.750   -1.265 -9.290  1.00 0.00 ? 2  LEU A HB2  4 
ATOM   666  H HB3  . LEU A 1 2  ? 4.080   -2.531 -8.265  1.00 0.00 ? 2  LEU A HB3  4 
ATOM   667  H HG   . LEU A 1 2  ? 1.989   -0.904 -8.156  1.00 0.00 ? 2  LEU A HG   4 
ATOM   668  H HD11 . LEU A 1 2  ? 1.687   0.281  -10.323 1.00 0.00 ? 2  LEU A HD11 4 
ATOM   669  H HD12 . LEU A 1 2  ? 3.343   -0.135 -10.762 1.00 0.00 ? 2  LEU A HD12 4 
ATOM   670  H HD13 . LEU A 1 2  ? 3.035   0.937  -9.397  1.00 0.00 ? 2  LEU A HD13 4 
ATOM   671  H HD21 . LEU A 1 2  ? 1.859   -3.143 -9.072  1.00 0.00 ? 2  LEU A HD21 4 
ATOM   672  H HD22 . LEU A 1 2  ? 2.734   -2.649 -10.522 1.00 0.00 ? 2  LEU A HD22 4 
ATOM   673  H HD23 . LEU A 1 2  ? 1.104   -2.042 -10.227 1.00 0.00 ? 2  LEU A HD23 4 
ATOM   674  N N    . PHE A 1 3  ? 4.270   -2.444 -5.648  1.00 0.00 ? 3  PHE A N    4 
ATOM   675  C CA   . PHE A 1 3  ? 3.755   -3.160 -4.487  1.00 0.00 ? 3  PHE A CA   4 
ATOM   676  C C    . PHE A 1 3  ? 3.840   -2.288 -3.240  1.00 0.00 ? 3  PHE A C    4 
ATOM   677  O O    . PHE A 1 3  ? 2.876   -2.169 -2.484  1.00 0.00 ? 3  PHE A O    4 
ATOM   678  C CB   . PHE A 1 3  ? 4.553   -4.447 -4.271  1.00 0.00 ? 3  PHE A CB   4 
ATOM   679  C CG   . PHE A 1 3  ? 3.770   -5.387 -3.384  1.00 0.00 ? 3  PHE A CG   4 
ATOM   680  C CD1  . PHE A 1 3  ? 2.750   -6.176 -3.930  1.00 0.00 ? 3  PHE A CD1  4 
ATOM   681  C CD2  . PHE A 1 3  ? 4.065   -5.471 -2.019  1.00 0.00 ? 3  PHE A CD2  4 
ATOM   682  C CE1  . PHE A 1 3  ? 2.027   -7.050 -3.110  1.00 0.00 ? 3  PHE A CE1  4 
ATOM   683  C CE2  . PHE A 1 3  ? 3.340   -6.344 -1.198  1.00 0.00 ? 3  PHE A CE2  4 
ATOM   684  C CZ   . PHE A 1 3  ? 2.322   -7.134 -1.744  1.00 0.00 ? 3  PHE A CZ   4 
ATOM   685  H H    . PHE A 1 3  ? 5.021   -2.819 -6.153  1.00 0.00 ? 3  PHE A H    4 
ATOM   686  H HA   . PHE A 1 3  ? 2.724   -3.414 -4.663  1.00 0.00 ? 3  PHE A HA   4 
ATOM   687  H HB2  . PHE A 1 3  ? 4.736   -4.921 -5.225  1.00 0.00 ? 3  PHE A HB2  4 
ATOM   688  H HB3  . PHE A 1 3  ? 5.496   -4.211 -3.799  1.00 0.00 ? 3  PHE A HB3  4 
ATOM   689  H HD1  . PHE A 1 3  ? 2.522   -6.111 -4.983  1.00 0.00 ? 3  PHE A HD1  4 
ATOM   690  H HD2  . PHE A 1 3  ? 4.849   -4.859 -1.597  1.00 0.00 ? 3  PHE A HD2  4 
ATOM   691  H HE1  . PHE A 1 3  ? 1.241   -7.660 -3.531  1.00 0.00 ? 3  PHE A HE1  4 
ATOM   692  H HE2  . PHE A 1 3  ? 3.568   -6.409 -0.145  1.00 0.00 ? 3  PHE A HE2  4 
ATOM   693  H HZ   . PHE A 1 3  ? 1.763   -7.809 -1.111  1.00 0.00 ? 3  PHE A HZ   4 
ATOM   694  N N    . ASP A 1 4  ? 5.002   -1.683 -3.032  1.00 0.00 ? 4  ASP A N    4 
ATOM   695  C CA   . ASP A 1 4  ? 5.208   -0.824 -1.874  1.00 0.00 ? 4  ASP A CA   4 
ATOM   696  C C    . ASP A 1 4  ? 4.111   0.234  -1.792  1.00 0.00 ? 4  ASP A C    4 
ATOM   697  O O    . ASP A 1 4  ? 3.832   0.770  -0.720  1.00 0.00 ? 4  ASP A O    4 
ATOM   698  C CB   . ASP A 1 4  ? 6.576   -0.145 -1.969  1.00 0.00 ? 4  ASP A CB   4 
ATOM   699  C CG   . ASP A 1 4  ? 7.596   -1.111 -2.561  1.00 0.00 ? 4  ASP A CG   4 
ATOM   700  O OD1  . ASP A 1 4  ? 7.359   -2.306 -2.490  1.00 0.00 ? 4  ASP A OD1  4 
ATOM   701  O OD2  . ASP A 1 4  ? 8.598   -0.642 -3.075  1.00 0.00 ? 4  ASP A OD2  4 
ATOM   702  H H    . ASP A 1 4  ? 5.733   -1.816 -3.669  1.00 0.00 ? 4  ASP A H    4 
ATOM   703  H HA   . ASP A 1 4  ? 5.178   -1.428 -0.981  1.00 0.00 ? 4  ASP A HA   4 
ATOM   704  H HB2  . ASP A 1 4  ? 6.502   0.729  -2.601  1.00 0.00 ? 4  ASP A HB2  4 
ATOM   705  H HB3  . ASP A 1 4  ? 6.897   0.153  -0.983  1.00 0.00 ? 4  ASP A HB3  4 
ATOM   706  N N    . LYS A 1 5  ? 3.492   0.526  -2.931  1.00 0.00 ? 5  LYS A N    4 
ATOM   707  C CA   . LYS A 1 5  ? 2.425   1.519  -2.977  1.00 0.00 ? 5  LYS A CA   4 
ATOM   708  C C    . LYS A 1 5  ? 1.102   0.887  -2.555  1.00 0.00 ? 5  LYS A C    4 
ATOM   709  O O    . LYS A 1 5  ? 0.356   1.456  -1.758  1.00 0.00 ? 5  LYS A O    4 
ATOM   710  C CB   . LYS A 1 5  ? 2.307   2.097  -4.398  1.00 0.00 ? 5  LYS A CB   4 
ATOM   711  C CG   . LYS A 1 5  ? 2.327   3.630  -4.352  1.00 0.00 ? 5  LYS A CG   4 
ATOM   712  C CD   . LYS A 1 5  ? 1.025   4.143  -3.733  1.00 0.00 ? 5  LYS A CD   4 
ATOM   713  C CE   . LYS A 1 5  ? 0.960   5.665  -3.873  1.00 0.00 ? 5  LYS A CE   4 
ATOM   714  N NZ   . LYS A 1 5  ? 2.317   6.243  -3.662  1.00 0.00 ? 5  LYS A NZ   4 
ATOM   715  H H    . LYS A 1 5  ? 3.756   0.066  -3.755  1.00 0.00 ? 5  LYS A H    4 
ATOM   716  H HA   . LYS A 1 5  ? 2.662   2.314  -2.288  1.00 0.00 ? 5  LYS A HA   4 
ATOM   717  H HB2  . LYS A 1 5  ? 3.137   1.747  -4.993  1.00 0.00 ? 5  LYS A HB2  4 
ATOM   718  H HB3  . LYS A 1 5  ? 1.383   1.766  -4.848  1.00 0.00 ? 5  LYS A HB3  4 
ATOM   719  H HG2  . LYS A 1 5  ? 3.167   3.962  -3.758  1.00 0.00 ? 5  LYS A HG2  4 
ATOM   720  H HG3  . LYS A 1 5  ? 2.423   4.016  -5.355  1.00 0.00 ? 5  LYS A HG3  4 
ATOM   721  H HD2  . LYS A 1 5  ? 0.184   3.697  -4.245  1.00 0.00 ? 5  LYS A HD2  4 
ATOM   722  H HD3  . LYS A 1 5  ? 0.993   3.879  -2.687  1.00 0.00 ? 5  LYS A HD3  4 
ATOM   723  H HE2  . LYS A 1 5  ? 0.609   5.922  -4.861  1.00 0.00 ? 5  LYS A HE2  4 
ATOM   724  H HE3  . LYS A 1 5  ? 0.280   6.066  -3.135  1.00 0.00 ? 5  LYS A HE3  4 
ATOM   725  H HZ1  . LYS A 1 5  ? 2.930   5.988  -4.462  1.00 0.00 ? 5  LYS A HZ1  4 
ATOM   726  H HZ2  . LYS A 1 5  ? 2.721   5.866  -2.781  1.00 0.00 ? 5  LYS A HZ2  4 
ATOM   727  H HZ3  . LYS A 1 5  ? 2.248   7.278  -3.599  1.00 0.00 ? 5  LYS A HZ3  4 
ATOM   728  N N    . LEU A 1 6  ? 0.822   -0.294 -3.092  1.00 0.00 ? 6  LEU A N    4 
ATOM   729  C CA   . LEU A 1 6  ? -0.411  -0.999 -2.761  1.00 0.00 ? 6  LEU A CA   4 
ATOM   730  C C    . LEU A 1 6  ? -0.275  -1.675 -1.402  1.00 0.00 ? 6  LEU A C    4 
ATOM   731  O O    . LEU A 1 6  ? -1.270  -1.996 -0.752  1.00 0.00 ? 6  LEU A O    4 
ATOM   732  C CB   . LEU A 1 6  ? -0.737  -2.033 -3.855  1.00 0.00 ? 6  LEU A CB   4 
ATOM   733  C CG   . LEU A 1 6  ? -0.106  -3.396 -3.527  1.00 0.00 ? 6  LEU A CG   4 
ATOM   734  C CD1  . LEU A 1 6  ? -0.964  -4.158 -2.498  1.00 0.00 ? 6  LEU A CD1  4 
ATOM   735  C CD2  . LEU A 1 6  ? -0.007  -4.222 -4.816  1.00 0.00 ? 6  LEU A CD2  4 
ATOM   736  H H    . LEU A 1 6  ? 1.457   -0.699 -3.719  1.00 0.00 ? 6  LEU A H    4 
ATOM   737  H HA   . LEU A 1 6  ? -1.217  -0.281 -2.711  1.00 0.00 ? 6  LEU A HA   4 
ATOM   738  H HB2  . LEU A 1 6  ? -1.808  -2.143 -3.936  1.00 0.00 ? 6  LEU A HB2  4 
ATOM   739  H HB3  . LEU A 1 6  ? -0.346  -1.680 -4.798  1.00 0.00 ? 6  LEU A HB3  4 
ATOM   740  H HG   . LEU A 1 6  ? 0.884   -3.244 -3.123  1.00 0.00 ? 6  LEU A HG   4 
ATOM   741  H HD11 . LEU A 1 6  ? -0.410  -4.257 -1.577  1.00 0.00 ? 6  LEU A HD11 4 
ATOM   742  H HD12 . LEU A 1 6  ? -1.202  -5.141 -2.878  1.00 0.00 ? 6  LEU A HD12 4 
ATOM   743  H HD13 . LEU A 1 6  ? -1.880  -3.617 -2.309  1.00 0.00 ? 6  LEU A HD13 4 
ATOM   744  H HD21 . LEU A 1 6  ? 0.437   -5.180 -4.596  1.00 0.00 ? 6  LEU A HD21 4 
ATOM   745  H HD22 . LEU A 1 6  ? 0.604   -3.698 -5.534  1.00 0.00 ? 6  LEU A HD22 4 
ATOM   746  H HD23 . LEU A 1 6  ? -0.996  -4.368 -5.225  1.00 0.00 ? 6  LEU A HD23 4 
ATOM   747  N N    . LYS A 1 7  ? 0.966   -1.886 -0.978  1.00 0.00 ? 7  LYS A N    4 
ATOM   748  C CA   . LYS A 1 7  ? 1.232   -2.522 0.307   1.00 0.00 ? 7  LYS A CA   4 
ATOM   749  C C    . LYS A 1 7  ? 1.221   -1.487 1.427   1.00 0.00 ? 7  LYS A C    4 
ATOM   750  O O    . LYS A 1 7  ? 0.875   -1.796 2.567   1.00 0.00 ? 7  LYS A O    4 
ATOM   751  C CB   . LYS A 1 7  ? 2.593   -3.224 0.261   1.00 0.00 ? 7  LYS A CB   4 
ATOM   752  C CG   . LYS A 1 7  ? 2.861   -3.949 1.583   1.00 0.00 ? 7  LYS A CG   4 
ATOM   753  C CD   . LYS A 1 7  ? 1.791   -5.023 1.819   1.00 0.00 ? 7  LYS A CD   4 
ATOM   754  C CE   . LYS A 1 7  ? 2.367   -6.138 2.695   1.00 0.00 ? 7  LYS A CE   4 
ATOM   755  N NZ   . LYS A 1 7  ? 2.938   -5.547 3.938   1.00 0.00 ? 7  LYS A NZ   4 
ATOM   756  H H    . LYS A 1 7  ? 1.720   -1.606 -1.539  1.00 0.00 ? 7  LYS A H    4 
ATOM   757  H HA   . LYS A 1 7  ? 0.465   -3.257 0.499   1.00 0.00 ? 7  LYS A HA   4 
ATOM   758  H HB2  . LYS A 1 7  ? 2.596   -3.939 -0.547  1.00 0.00 ? 7  LYS A HB2  4 
ATOM   759  H HB3  . LYS A 1 7  ? 3.367   -2.490 0.092   1.00 0.00 ? 7  LYS A HB3  4 
ATOM   760  H HG2  . LYS A 1 7  ? 3.836   -4.413 1.542   1.00 0.00 ? 7  LYS A HG2  4 
ATOM   761  H HG3  . LYS A 1 7  ? 2.838   -3.237 2.395   1.00 0.00 ? 7  LYS A HG3  4 
ATOM   762  H HD2  . LYS A 1 7  ? 0.940   -4.580 2.315   1.00 0.00 ? 7  LYS A HD2  4 
ATOM   763  H HD3  . LYS A 1 7  ? 1.480   -5.438 0.871   1.00 0.00 ? 7  LYS A HD3  4 
ATOM   764  H HE2  . LYS A 1 7  ? 1.582   -6.833 2.954   1.00 0.00 ? 7  LYS A HE2  4 
ATOM   765  H HE3  . LYS A 1 7  ? 3.143   -6.657 2.152   1.00 0.00 ? 7  LYS A HE3  4 
ATOM   766  H HZ1  . LYS A 1 7  ? 2.415   -4.682 4.184   1.00 0.00 ? 7  LYS A HZ1  4 
ATOM   767  H HZ2  . LYS A 1 7  ? 3.940   -5.315 3.782   1.00 0.00 ? 7  LYS A HZ2  4 
ATOM   768  H HZ3  . LYS A 1 7  ? 2.856   -6.231 4.717   1.00 0.00 ? 7  LYS A HZ3  4 
ATOM   769  N N    . SER A 1 8  ? 1.601   -0.257 1.094   1.00 0.00 ? 8  SER A N    4 
ATOM   770  C CA   . SER A 1 8  ? 1.630   0.818  2.081   1.00 0.00 ? 8  SER A CA   4 
ATOM   771  C C    . SER A 1 8  ? 0.255   1.466  2.210   1.00 0.00 ? 8  SER A C    4 
ATOM   772  O O    . SER A 1 8  ? -0.058  2.084  3.228   1.00 0.00 ? 8  SER A O    4 
ATOM   773  C CB   . SER A 1 8  ? 2.656   1.876  1.671   1.00 0.00 ? 8  SER A CB   4 
ATOM   774  O OG   . SER A 1 8  ? 3.943   1.277  1.593   1.00 0.00 ? 8  SER A OG   4 
ATOM   775  H H    . SER A 1 8  ? 1.865   -0.068 0.169   1.00 0.00 ? 8  SER A H    4 
ATOM   776  H HA   . SER A 1 8  ? 1.915   0.410  3.038   1.00 0.00 ? 8  SER A HA   4 
ATOM   777  H HB2  . SER A 1 8  ? 2.395   2.279  0.706   1.00 0.00 ? 8  SER A HB2  4 
ATOM   778  H HB3  . SER A 1 8  ? 2.662   2.673  2.402   1.00 0.00 ? 8  SER A HB3  4 
ATOM   779  H HG   . SER A 1 8  ? 3.840   0.333  1.739   1.00 0.00 ? 8  SER A HG   4 
ATOM   780  N N    . LEU A 1 9  ? -0.562  1.323  1.171   1.00 0.00 ? 9  LEU A N    4 
ATOM   781  C CA   . LEU A 1 9  ? -1.900  1.901  1.180   1.00 0.00 ? 9  LEU A CA   4 
ATOM   782  C C    . LEU A 1 9  ? -2.830  1.091  2.078   1.00 0.00 ? 9  LEU A C    4 
ATOM   783  O O    . LEU A 1 9  ? -3.712  1.645  2.735   1.00 0.00 ? 9  LEU A O    4 
ATOM   784  C CB   . LEU A 1 9  ? -2.465  1.937  -0.243  1.00 0.00 ? 9  LEU A CB   4 
ATOM   785  C CG   . LEU A 1 9  ? -3.709  2.837  -0.286  1.00 0.00 ? 9  LEU A CG   4 
ATOM   786  C CD1  . LEU A 1 9  ? -3.290  4.292  -0.523  1.00 0.00 ? 9  LEU A CD1  4 
ATOM   787  C CD2  . LEU A 1 9  ? -4.628  2.387  -1.426  1.00 0.00 ? 9  LEU A CD2  4 
ATOM   788  H H    . LEU A 1 9  ? -0.258  0.822  0.385   1.00 0.00 ? 9  LEU A H    4 
ATOM   789  H HA   . LEU A 1 9  ? -1.843  2.910  1.557   1.00 0.00 ? 9  LEU A HA   4 
ATOM   790  H HB2  . LEU A 1 9  ? -1.714  2.321  -0.918  1.00 0.00 ? 9  LEU A HB2  4 
ATOM   791  H HB3  . LEU A 1 9  ? -2.738  0.935  -0.544  1.00 0.00 ? 9  LEU A HB3  4 
ATOM   792  H HG   . LEU A 1 9  ? -4.239  2.766  0.653   1.00 0.00 ? 9  LEU A HG   4 
ATOM   793  H HD11 . LEU A 1 9  ? -2.675  4.630  0.297   1.00 0.00 ? 9  LEU A HD11 4 
ATOM   794  H HD12 . LEU A 1 9  ? -4.171  4.912  -0.592  1.00 0.00 ? 9  LEU A HD12 4 
ATOM   795  H HD13 . LEU A 1 9  ? -2.729  4.359  -1.444  1.00 0.00 ? 9  LEU A HD13 4 
ATOM   796  H HD21 . LEU A 1 9  ? -4.046  2.252  -2.325  1.00 0.00 ? 9  LEU A HD21 4 
ATOM   797  H HD22 . LEU A 1 9  ? -5.384  3.138  -1.597  1.00 0.00 ? 9  LEU A HD22 4 
ATOM   798  H HD23 . LEU A 1 9  ? -5.101  1.454  -1.158  1.00 0.00 ? 9  LEU A HD23 4 
ATOM   799  N N    . VAL A 1 10 ? -2.627  -0.221 2.102   1.00 0.00 ? 10 VAL A N    4 
ATOM   800  C CA   . VAL A 1 10 ? -3.453  -1.097 2.923   1.00 0.00 ? 10 VAL A CA   4 
ATOM   801  C C    . VAL A 1 10 ? -3.263  -0.777 4.402   1.00 0.00 ? 10 VAL A C    4 
ATOM   802  O O    . VAL A 1 10 ? -4.171  -0.968 5.211   1.00 0.00 ? 10 VAL A O    4 
ATOM   803  C CB   . VAL A 1 10 ? -3.087  -2.560 2.660   1.00 0.00 ? 10 VAL A CB   4 
ATOM   804  C CG1  . VAL A 1 10 ? -3.814  -3.462 3.659   1.00 0.00 ? 10 VAL A CG1  4 
ATOM   805  C CG2  . VAL A 1 10 ? -3.504  -2.939 1.237   1.00 0.00 ? 10 VAL A CG2  4 
ATOM   806  H H    . VAL A 1 10 ? -1.908  -0.606 1.557   1.00 0.00 ? 10 VAL A H    4 
ATOM   807  H HA   . VAL A 1 10 ? -4.489  -0.946 2.663   1.00 0.00 ? 10 VAL A HA   4 
ATOM   808  H HB   . VAL A 1 10 ? -2.019  -2.688 2.770   1.00 0.00 ? 10 VAL A HB   4 
ATOM   809  H HG11 . VAL A 1 10 ? -3.342  -3.380 4.628   1.00 0.00 ? 10 VAL A HG11 4 
ATOM   810  H HG12 . VAL A 1 10 ? -3.767  -4.486 3.321   1.00 0.00 ? 10 VAL A HG12 4 
ATOM   811  H HG13 . VAL A 1 10 ? -4.847  -3.156 3.736   1.00 0.00 ? 10 VAL A HG13 4 
ATOM   812  H HG21 . VAL A 1 10 ? -3.026  -3.865 0.956   1.00 0.00 ? 10 VAL A HG21 4 
ATOM   813  H HG22 . VAL A 1 10 ? -3.205  -2.157 0.554   1.00 0.00 ? 10 VAL A HG22 4 
ATOM   814  H HG23 . VAL A 1 10 ? -4.576  -3.061 1.197   1.00 0.00 ? 10 VAL A HG23 4 
ATOM   815  N N    . SER A 1 11 ? -2.076  -0.289 4.749   1.00 0.00 ? 11 SER A N    4 
ATOM   816  C CA   . SER A 1 11 ? -1.778  0.056  6.134   1.00 0.00 ? 11 SER A CA   4 
ATOM   817  C C    . SER A 1 11 ? -2.409  1.396  6.499   1.00 0.00 ? 11 SER A C    4 
ATOM   818  O O    . SER A 1 11 ? -2.605  1.701  7.676   1.00 0.00 ? 11 SER A O    4 
ATOM   819  C CB   . SER A 1 11 ? -0.265  0.130  6.339   1.00 0.00 ? 11 SER A CB   4 
ATOM   820  O OG   . SER A 1 11 ? 0.223   1.350  5.798   1.00 0.00 ? 11 SER A OG   4 
ATOM   821  H H    . SER A 1 11 ? -1.389  -0.158 4.062   1.00 0.00 ? 11 SER A H    4 
ATOM   822  H HA   . SER A 1 11 ? -2.180  -0.709 6.781   1.00 0.00 ? 11 SER A HA   4 
ATOM   823  H HB2  . SER A 1 11 ? -0.040  0.095  7.393   1.00 0.00 ? 11 SER A HB2  4 
ATOM   824  H HB3  . SER A 1 11 ? 0.206   -0.709 5.846   1.00 0.00 ? 11 SER A HB3  4 
ATOM   825  H HG   . SER A 1 11 ? 1.019   1.592  6.278   1.00 0.00 ? 11 SER A HG   4 
ATOM   826  N N    . ASP A 1 12 ? -2.726  2.191  5.482   1.00 0.00 ? 12 ASP A N    4 
ATOM   827  C CA   . ASP A 1 12 ? -3.335  3.498  5.707   1.00 0.00 ? 12 ASP A CA   4 
ATOM   828  C C    . ASP A 1 12 ? -4.838  3.360  5.922   1.00 0.00 ? 12 ASP A C    4 
ATOM   829  O O    . ASP A 1 12 ? -5.382  3.859  6.908   1.00 0.00 ? 12 ASP A O    4 
ATOM   830  C CB   . ASP A 1 12 ? -3.072  4.407  4.505   1.00 0.00 ? 12 ASP A CB   4 
ATOM   831  C CG   . ASP A 1 12 ? -1.574  4.637  4.342   1.00 0.00 ? 12 ASP A CG   4 
ATOM   832  O OD1  . ASP A 1 12 ? -0.816  3.990  5.047   1.00 0.00 ? 12 ASP A OD1  4 
ATOM   833  O OD2  . ASP A 1 12 ? -1.205  5.455  3.515   1.00 0.00 ? 12 ASP A OD2  4 
ATOM   834  H H    . ASP A 1 12 ? -2.546  1.895  4.566   1.00 0.00 ? 12 ASP A H    4 
ATOM   835  H HA   . ASP A 1 12 ? -2.893  3.946  6.584   1.00 0.00 ? 12 ASP A HA   4 
ATOM   836  H HB2  . ASP A 1 12 ? -3.462  3.943  3.611   1.00 0.00 ? 12 ASP A HB2  4 
ATOM   837  H HB3  . ASP A 1 12 ? -3.564  5.356  4.659   1.00 0.00 ? 12 ASP A HB3  4 
ATOM   838  N N    . PHE A 1 13 ? -5.506  2.679  4.994   1.00 0.00 ? 13 PHE A N    4 
ATOM   839  C CA   . PHE A 1 13 ? -6.942  2.476  5.080   1.00 0.00 ? 13 PHE A CA   4 
ATOM   840  C C    . PHE A 1 13 ? -7.258  1.031  5.469   1.00 0.00 ? 13 PHE A C    4 
ATOM   841  O O    . PHE A 1 13 ? -8.409  0.695  5.743   1.00 0.00 ? 13 PHE A O    4 
ATOM   842  C CB   . PHE A 1 13 ? -7.567  2.825  3.724   1.00 0.00 ? 13 PHE A CB   4 
ATOM   843  C CG   . PHE A 1 13 ? -8.186  1.596  3.120   1.00 0.00 ? 13 PHE A CG   4 
ATOM   844  C CD1  . PHE A 1 13 ? -7.390  0.732  2.360   1.00 0.00 ? 13 PHE A CD1  4 
ATOM   845  C CD2  . PHE A 1 13 ? -9.538  1.308  3.324   1.00 0.00 ? 13 PHE A CD2  4 
ATOM   846  C CE1  . PHE A 1 13 ? -7.943  -0.420 1.805   1.00 0.00 ? 13 PHE A CE1  4 
ATOM   847  C CE2  . PHE A 1 13 ? -10.095 0.154  2.765   1.00 0.00 ? 13 PHE A CE2  4 
ATOM   848  C CZ   . PHE A 1 13 ? -9.295  -0.709 2.006   1.00 0.00 ? 13 PHE A CZ   4 
ATOM   849  H H    . PHE A 1 13 ? -5.025  2.301  4.228   1.00 0.00 ? 13 PHE A H    4 
ATOM   850  H HA   . PHE A 1 13 ? -7.348  3.136  5.832   1.00 0.00 ? 13 PHE A HA   4 
ATOM   851  H HB2  . PHE A 1 13 ? -8.324  3.581  3.860   1.00 0.00 ? 13 PHE A HB2  4 
ATOM   852  H HB3  . PHE A 1 13 ? -6.801  3.202  3.062   1.00 0.00 ? 13 PHE A HB3  4 
ATOM   853  H HD1  . PHE A 1 13 ? -6.345  0.958  2.204   1.00 0.00 ? 13 PHE A HD1  4 
ATOM   854  H HD2  . PHE A 1 13 ? -10.152 1.976  3.910   1.00 0.00 ? 13 PHE A HD2  4 
ATOM   855  H HE1  . PHE A 1 13 ? -7.327  -1.086 1.219   1.00 0.00 ? 13 PHE A HE1  4 
ATOM   856  H HE2  . PHE A 1 13 ? -11.138 -0.072 2.920   1.00 0.00 ? 13 PHE A HE2  4 
ATOM   857  H HZ   . PHE A 1 13 ? -9.718  -1.599 1.579   1.00 0.00 ? 13 PHE A HZ   4 
HETATM 858  N N    . NH2 A 1 14 ? -6.293  0.152  5.509   1.00 0.00 ? 14 NH2 A N    4 
HETATM 859  H HN1  . NH2 A 1 14 ? -5.376  0.421  5.291   1.00 0.00 ? 14 NH2 A HN1  4 
HETATM 860  H HN2  . NH2 A 1 14 ? -6.487  -0.775 5.756   1.00 0.00 ? 14 NH2 A HN2  4 
ATOM   861  N N    . GLY A 1 1  ? 5.822   5.691  -6.079  1.00 0.00 ? 1  GLY A N    5 
ATOM   862  C CA   . GLY A 1 1  ? 4.501   6.089  -6.641  1.00 0.00 ? 1  GLY A CA   5 
ATOM   863  C C    . GLY A 1 1  ? 3.586   4.871  -6.708  1.00 0.00 ? 1  GLY A C    5 
ATOM   864  O O    . GLY A 1 1  ? 2.729   4.678  -5.846  1.00 0.00 ? 1  GLY A O    5 
ATOM   865  H H1   . GLY A 1 1  ? 6.273   4.997  -6.709  1.00 0.00 ? 1  GLY A H1   5 
ATOM   866  H H2   . GLY A 1 1  ? 5.684   5.268  -5.137  1.00 0.00 ? 1  GLY A H2   5 
ATOM   867  H H3   . GLY A 1 1  ? 6.431   6.529  -5.997  1.00 0.00 ? 1  GLY A H3   5 
ATOM   868  H HA2  . GLY A 1 1  ? 4.053   6.843  -6.010  1.00 0.00 ? 1  GLY A HA2  5 
ATOM   869  H HA3  . GLY A 1 1  ? 4.638   6.486  -7.636  1.00 0.00 ? 1  GLY A HA3  5 
ATOM   870  N N    . LEU A 1 2  ? 3.774   4.052  -7.738  1.00 0.00 ? 2  LEU A N    5 
ATOM   871  C CA   . LEU A 1 2  ? 2.960   2.854  -7.911  1.00 0.00 ? 2  LEU A CA   5 
ATOM   872  C C    . LEU A 1 2  ? 3.058   1.955  -6.686  1.00 0.00 ? 2  LEU A C    5 
ATOM   873  O O    . LEU A 1 2  ? 2.046   1.567  -6.102  1.00 0.00 ? 2  LEU A O    5 
ATOM   874  C CB   . LEU A 1 2  ? 3.432   2.081  -9.146  1.00 0.00 ? 2  LEU A CB   5 
ATOM   875  C CG   . LEU A 1 2  ? 2.361   1.064  -9.567  1.00 0.00 ? 2  LEU A CG   5 
ATOM   876  C CD1  . LEU A 1 2  ? 1.309   1.744  -10.449 1.00 0.00 ? 2  LEU A CD1  5 
ATOM   877  C CD2  . LEU A 1 2  ? 3.020   -0.071 -10.356 1.00 0.00 ? 2  LEU A CD2  5 
ATOM   878  H H    . LEU A 1 2  ? 4.472   4.259  -8.394  1.00 0.00 ? 2  LEU A H    5 
ATOM   879  H HA   . LEU A 1 2  ? 1.934   3.145  -8.051  1.00 0.00 ? 2  LEU A HA   5 
ATOM   880  H HB2  . LEU A 1 2  ? 3.613   2.775  -9.953  1.00 0.00 ? 2  LEU A HB2  5 
ATOM   881  H HB3  . LEU A 1 2  ? 4.348   1.560  -8.911  1.00 0.00 ? 2  LEU A HB3  5 
ATOM   882  H HG   . LEU A 1 2  ? 1.884   0.658  -8.686  1.00 0.00 ? 2  LEU A HG   5 
ATOM   883  H HD11 . LEU A 1 2  ? 0.745   2.450  -9.859  1.00 0.00 ? 2  LEU A HD11 5 
ATOM   884  H HD12 . LEU A 1 2  ? 0.640   0.997  -10.850 1.00 0.00 ? 2  LEU A HD12 5 
ATOM   885  H HD13 . LEU A 1 2  ? 1.797   2.262  -11.261 1.00 0.00 ? 2  LEU A HD13 5 
ATOM   886  H HD21 . LEU A 1 2  ? 3.769   -0.550 -9.743  1.00 0.00 ? 2  LEU A HD21 5 
ATOM   887  H HD22 . LEU A 1 2  ? 3.487   0.331  -11.245 1.00 0.00 ? 2  LEU A HD22 5 
ATOM   888  H HD23 . LEU A 1 2  ? 2.271   -0.795 -10.640 1.00 0.00 ? 2  LEU A HD23 5 
ATOM   889  N N    . PHE A 1 3  ? 4.285   1.628  -6.306  1.00 0.00 ? 3  PHE A N    5 
ATOM   890  C CA   . PHE A 1 3  ? 4.515   0.768  -5.150  1.00 0.00 ? 3  PHE A CA   5 
ATOM   891  C C    . PHE A 1 3  ? 3.840   1.345  -3.909  1.00 0.00 ? 3  PHE A C    5 
ATOM   892  O O    . PHE A 1 3  ? 3.239   0.616  -3.122  1.00 0.00 ? 3  PHE A O    5 
ATOM   893  C CB   . PHE A 1 3  ? 6.018   0.616  -4.898  1.00 0.00 ? 3  PHE A CB   5 
ATOM   894  C CG   . PHE A 1 3  ? 6.276   -0.648 -4.108  1.00 0.00 ? 3  PHE A CG   5 
ATOM   895  C CD1  . PHE A 1 3  ? 5.919   -0.716 -2.754  1.00 0.00 ? 3  PHE A CD1  5 
ATOM   896  C CD2  . PHE A 1 3  ? 6.871   -1.753 -4.730  1.00 0.00 ? 3  PHE A CD2  5 
ATOM   897  C CE1  . PHE A 1 3  ? 6.159   -1.888 -2.026  1.00 0.00 ? 3  PHE A CE1  5 
ATOM   898  C CE2  . PHE A 1 3  ? 7.110   -2.924 -4.000  1.00 0.00 ? 3  PHE A CE2  5 
ATOM   899  C CZ   . PHE A 1 3  ? 6.754   -2.991 -2.648  1.00 0.00 ? 3  PHE A CZ   5 
ATOM   900  H H    . PHE A 1 3  ? 5.049   1.966  -6.816  1.00 0.00 ? 3  PHE A H    5 
ATOM   901  H HA   . PHE A 1 3  ? 4.094   -0.204 -5.353  1.00 0.00 ? 3  PHE A HA   5 
ATOM   902  H HB2  . PHE A 1 3  ? 6.536   0.561  -5.845  1.00 0.00 ? 3  PHE A HB2  5 
ATOM   903  H HB3  . PHE A 1 3  ? 6.379   1.467  -4.340  1.00 0.00 ? 3  PHE A HB3  5 
ATOM   904  H HD1  . PHE A 1 3  ? 5.460   0.135  -2.274  1.00 0.00 ? 3  PHE A HD1  5 
ATOM   905  H HD2  . PHE A 1 3  ? 7.146   -1.702 -5.773  1.00 0.00 ? 3  PHE A HD2  5 
ATOM   906  H HE1  . PHE A 1 3  ? 5.883   -1.941 -0.983  1.00 0.00 ? 3  PHE A HE1  5 
ATOM   907  H HE2  . PHE A 1 3  ? 7.569   -3.775 -4.480  1.00 0.00 ? 3  PHE A HE2  5 
ATOM   908  H HZ   . PHE A 1 3  ? 6.939   -3.894 -2.085  1.00 0.00 ? 3  PHE A HZ   5 
ATOM   909  N N    . ASP A 1 4  ? 3.945   2.655  -3.745  1.00 0.00 ? 4  ASP A N    5 
ATOM   910  C CA   . ASP A 1 4  ? 3.343   3.323  -2.600  1.00 0.00 ? 4  ASP A CA   5 
ATOM   911  C C    . ASP A 1 4  ? 1.840   3.066  -2.557  1.00 0.00 ? 4  ASP A C    5 
ATOM   912  O O    . ASP A 1 4  ? 1.202   3.225  -1.516  1.00 0.00 ? 4  ASP A O    5 
ATOM   913  C CB   . ASP A 1 4  ? 3.608   4.827  -2.681  1.00 0.00 ? 4  ASP A CB   5 
ATOM   914  C CG   . ASP A 1 4  ? 5.027   5.078  -3.181  1.00 0.00 ? 4  ASP A CG   5 
ATOM   915  O OD1  . ASP A 1 4  ? 5.791   4.128  -3.238  1.00 0.00 ? 4  ASP A OD1  5 
ATOM   916  O OD2  . ASP A 1 4  ? 5.329   6.216  -3.500  1.00 0.00 ? 4  ASP A OD2  5 
ATOM   917  H H    . ASP A 1 4  ? 4.437   3.185  -4.405  1.00 0.00 ? 4  ASP A H    5 
ATOM   918  H HA   . ASP A 1 4  ? 3.790   2.939  -1.694  1.00 0.00 ? 4  ASP A HA   5 
ATOM   919  H HB2  . ASP A 1 4  ? 2.903   5.281  -3.362  1.00 0.00 ? 4  ASP A HB2  5 
ATOM   920  H HB3  . ASP A 1 4  ? 3.493   5.263  -1.702  1.00 0.00 ? 4  ASP A HB3  5 
ATOM   921  N N    . LYS A 1 5  ? 1.280   2.672  -3.696  1.00 0.00 ? 5  LYS A N    5 
ATOM   922  C CA   . LYS A 1 5  ? -0.150  2.399  -3.781  1.00 0.00 ? 5  LYS A CA   5 
ATOM   923  C C    . LYS A 1 5  ? -0.501  1.096  -3.071  1.00 0.00 ? 5  LYS A C    5 
ATOM   924  O O    . LYS A 1 5  ? -1.393  1.061  -2.223  1.00 0.00 ? 5  LYS A O    5 
ATOM   925  C CB   . LYS A 1 5  ? -0.580  2.317  -5.248  1.00 0.00 ? 5  LYS A CB   5 
ATOM   926  C CG   . LYS A 1 5  ? -2.103  2.437  -5.342  1.00 0.00 ? 5  LYS A CG   5 
ATOM   927  C CD   . LYS A 1 5  ? -2.528  2.420  -6.812  1.00 0.00 ? 5  LYS A CD   5 
ATOM   928  C CE   . LYS A 1 5  ? -4.028  2.701  -6.914  1.00 0.00 ? 5  LYS A CE   5 
ATOM   929  N NZ   . LYS A 1 5  ? -4.778  1.691  -6.115  1.00 0.00 ? 5  LYS A NZ   5 
ATOM   930  H H    . LYS A 1 5  ? 1.838   2.565  -4.495  1.00 0.00 ? 5  LYS A H    5 
ATOM   931  H HA   . LYS A 1 5  ? -0.685  3.205  -3.308  1.00 0.00 ? 5  LYS A HA   5 
ATOM   932  H HB2  . LYS A 1 5  ? -0.120  3.122  -5.802  1.00 0.00 ? 5  LYS A HB2  5 
ATOM   933  H HB3  . LYS A 1 5  ? -0.270  1.371  -5.662  1.00 0.00 ? 5  LYS A HB3  5 
ATOM   934  H HG2  . LYS A 1 5  ? -2.562  1.607  -4.823  1.00 0.00 ? 5  LYS A HG2  5 
ATOM   935  H HG3  . LYS A 1 5  ? -2.420  3.364  -4.889  1.00 0.00 ? 5  LYS A HG3  5 
ATOM   936  H HD2  . LYS A 1 5  ? -1.981  3.178  -7.353  1.00 0.00 ? 5  LYS A HD2  5 
ATOM   937  H HD3  . LYS A 1 5  ? -2.316  1.450  -7.236  1.00 0.00 ? 5  LYS A HD3  5 
ATOM   938  H HE2  . LYS A 1 5  ? -4.237  3.689  -6.531  1.00 0.00 ? 5  LYS A HE2  5 
ATOM   939  H HE3  . LYS A 1 5  ? -4.336  2.643  -7.947  1.00 0.00 ? 5  LYS A HE3  5 
ATOM   940  H HZ1  . LYS A 1 5  ? -4.586  0.740  -6.488  1.00 0.00 ? 5  LYS A HZ1  5 
ATOM   941  H HZ2  . LYS A 1 5  ? -5.798  1.889  -6.177  1.00 0.00 ? 5  LYS A HZ2  5 
ATOM   942  H HZ3  . LYS A 1 5  ? -4.475  1.739  -5.122  1.00 0.00 ? 5  LYS A HZ3  5 
ATOM   943  N N    . LEU A 1 6  ? 0.202   0.027  -3.422  1.00 0.00 ? 6  LEU A N    5 
ATOM   944  C CA   . LEU A 1 6  ? -0.054  -1.272 -2.807  1.00 0.00 ? 6  LEU A CA   5 
ATOM   945  C C    . LEU A 1 6  ? 0.223   -1.212 -1.307  1.00 0.00 ? 6  LEU A C    5 
ATOM   946  O O    . LEU A 1 6  ? -0.361  -1.966 -0.528  1.00 0.00 ? 6  LEU A O    5 
ATOM   947  C CB   . LEU A 1 6  ? 0.811   -2.357 -3.476  1.00 0.00 ? 6  LEU A CB   5 
ATOM   948  C CG   . LEU A 1 6  ? 2.201   -2.433 -2.816  1.00 0.00 ? 6  LEU A CG   5 
ATOM   949  C CD1  . LEU A 1 6  ? 2.176   -3.403 -1.623  1.00 0.00 ? 6  LEU A CD1  5 
ATOM   950  C CD2  . LEU A 1 6  ? 3.224   -2.925 -3.847  1.00 0.00 ? 6  LEU A CD2  5 
ATOM   951  H H    . LEU A 1 6  ? 0.900   0.112  -4.103  1.00 0.00 ? 6  LEU A H    5 
ATOM   952  H HA   . LEU A 1 6  ? -1.094  -1.521 -2.955  1.00 0.00 ? 6  LEU A HA   5 
ATOM   953  H HB2  . LEU A 1 6  ? 0.317   -3.314 -3.385  1.00 0.00 ? 6  LEU A HB2  5 
ATOM   954  H HB3  . LEU A 1 6  ? 0.926   -2.118 -4.523  1.00 0.00 ? 6  LEU A HB3  5 
ATOM   955  H HG   . LEU A 1 6  ? 2.488   -1.451 -2.470  1.00 0.00 ? 6  LEU A HG   5 
ATOM   956  H HD11 . LEU A 1 6  ? 2.604   -4.351 -1.916  1.00 0.00 ? 6  LEU A HD11 5 
ATOM   957  H HD12 . LEU A 1 6  ? 1.159   -3.558 -1.295  1.00 0.00 ? 6  LEU A HD12 5 
ATOM   958  H HD13 . LEU A 1 6  ? 2.755   -2.986 -0.812  1.00 0.00 ? 6  LEU A HD13 5 
ATOM   959  H HD21 . LEU A 1 6  ? 3.249   -2.244 -4.684  1.00 0.00 ? 6  LEU A HD21 5 
ATOM   960  H HD22 . LEU A 1 6  ? 2.942   -3.908 -4.192  1.00 0.00 ? 6  LEU A HD22 5 
ATOM   961  H HD23 . LEU A 1 6  ? 4.202   -2.971 -3.391  1.00 0.00 ? 6  LEU A HD23 5 
ATOM   962  N N    . LYS A 1 7  ? 1.110   -0.306 -0.909  1.00 0.00 ? 7  LYS A N    5 
ATOM   963  C CA   . LYS A 1 7  ? 1.448   -0.154 0.500   1.00 0.00 ? 7  LYS A CA   5 
ATOM   964  C C    . LYS A 1 7  ? 0.237   0.352  1.279   1.00 0.00 ? 7  LYS A C    5 
ATOM   965  O O    . LYS A 1 7  ? 0.048   0.006  2.444   1.00 0.00 ? 7  LYS A O    5 
ATOM   966  C CB   . LYS A 1 7  ? 2.614   0.830  0.656   1.00 0.00 ? 7  LYS A CB   5 
ATOM   967  C CG   . LYS A 1 7  ? 3.945   0.090  0.485   1.00 0.00 ? 7  LYS A CG   5 
ATOM   968  C CD   . LYS A 1 7  ? 5.104   1.074  0.678   1.00 0.00 ? 7  LYS A CD   5 
ATOM   969  C CE   . LYS A 1 7  ? 6.433   0.315  0.692   1.00 0.00 ? 7  LYS A CE   5 
ATOM   970  N NZ   . LYS A 1 7  ? 7.478   1.156  1.344   1.00 0.00 ? 7  LYS A NZ   5 
ATOM   971  H H    . LYS A 1 7  ? 1.541   0.272  -1.572  1.00 0.00 ? 7  LYS A H    5 
ATOM   972  H HA   . LYS A 1 7  ? 1.742   -1.114 0.896   1.00 0.00 ? 7  LYS A HA   5 
ATOM   973  H HB2  . LYS A 1 7  ? 2.534   1.603  -0.095  1.00 0.00 ? 7  LYS A HB2  5 
ATOM   974  H HB3  . LYS A 1 7  ? 2.581   1.279  1.637   1.00 0.00 ? 7  LYS A HB3  5 
ATOM   975  H HG2  . LYS A 1 7  ? 4.014   -0.699 1.219   1.00 0.00 ? 7  LYS A HG2  5 
ATOM   976  H HG3  . LYS A 1 7  ? 3.996   -0.335 -0.506  1.00 0.00 ? 7  LYS A HG3  5 
ATOM   977  H HD2  . LYS A 1 7  ? 5.106   1.788  -0.133  1.00 0.00 ? 7  LYS A HD2  5 
ATOM   978  H HD3  . LYS A 1 7  ? 4.979   1.595  1.614   1.00 0.00 ? 7  LYS A HD3  5 
ATOM   979  H HE2  . LYS A 1 7  ? 6.320   -0.606 1.243   1.00 0.00 ? 7  LYS A HE2  5 
ATOM   980  H HE3  . LYS A 1 7  ? 6.733   0.094  -0.321  1.00 0.00 ? 7  LYS A HE3  5 
ATOM   981  H HZ1  . LYS A 1 7  ? 8.290   1.261  0.703   1.00 0.00 ? 7  LYS A HZ1  5 
ATOM   982  H HZ2  . LYS A 1 7  ? 7.788   0.700  2.227   1.00 0.00 ? 7  LYS A HZ2  5 
ATOM   983  H HZ3  . LYS A 1 7  ? 7.085   2.094  1.558   1.00 0.00 ? 7  LYS A HZ3  5 
ATOM   984  N N    . SER A 1 8  ? -0.579  1.172  0.625   1.00 0.00 ? 8  SER A N    5 
ATOM   985  C CA   . SER A 1 8  ? -1.770  1.718  1.264   1.00 0.00 ? 8  SER A CA   5 
ATOM   986  C C    . SER A 1 8  ? -2.699  0.592  1.709   1.00 0.00 ? 8  SER A C    5 
ATOM   987  O O    . SER A 1 8  ? -3.438  0.733  2.683   1.00 0.00 ? 8  SER A O    5 
ATOM   988  C CB   . SER A 1 8  ? -2.509  2.638  0.292   1.00 0.00 ? 8  SER A CB   5 
ATOM   989  O OG   . SER A 1 8  ? -3.276  1.849  -0.607  1.00 0.00 ? 8  SER A OG   5 
ATOM   990  H H    . SER A 1 8  ? -0.378  1.411  -0.304  1.00 0.00 ? 8  SER A H    5 
ATOM   991  H HA   . SER A 1 8  ? -1.473  2.291  2.129   1.00 0.00 ? 8  SER A HA   5 
ATOM   992  H HB2  . SER A 1 8  ? -3.167  3.291  0.841   1.00 0.00 ? 8  SER A HB2  5 
ATOM   993  H HB3  . SER A 1 8  ? -1.790  3.232  -0.257  1.00 0.00 ? 8  SER A HB3  5 
ATOM   994  H HG   . SER A 1 8  ? -3.347  0.964  -0.241  1.00 0.00 ? 8  SER A HG   5 
ATOM   995  N N    . LEU A 1 9  ? -2.654  -0.524 0.989   1.00 0.00 ? 9  LEU A N    5 
ATOM   996  C CA   . LEU A 1 9  ? -3.494  -1.669 1.319   1.00 0.00 ? 9  LEU A CA   5 
ATOM   997  C C    . LEU A 1 9  ? -2.960  -2.383 2.556   1.00 0.00 ? 9  LEU A C    5 
ATOM   998  O O    . LEU A 1 9  ? -3.730  -2.880 3.379   1.00 0.00 ? 9  LEU A O    5 
ATOM   999  C CB   . LEU A 1 9  ? -3.532  -2.645 0.140   1.00 0.00 ? 9  LEU A CB   5 
ATOM   1000 C CG   . LEU A 1 9  ? -4.660  -3.665 0.345   1.00 0.00 ? 9  LEU A CG   5 
ATOM   1001 C CD1  . LEU A 1 9  ? -5.961  -3.126 -0.253  1.00 0.00 ? 9  LEU A CD1  5 
ATOM   1002 C CD2  . LEU A 1 9  ? -4.293  -4.980 -0.348  1.00 0.00 ? 9  LEU A CD2  5 
ATOM   1003 H H    . LEU A 1 9  ? -2.045  -0.578 0.223   1.00 0.00 ? 9  LEU A H    5 
ATOM   1004 H HA   . LEU A 1 9  ? -4.496  -1.323 1.518   1.00 0.00 ? 9  LEU A HA   5 
ATOM   1005 H HB2  . LEU A 1 9  ? -3.701  -2.096 -0.776  1.00 0.00 ? 9  LEU A HB2  5 
ATOM   1006 H HB3  . LEU A 1 9  ? -2.586  -3.163 0.077   1.00 0.00 ? 9  LEU A HB3  5 
ATOM   1007 H HG   . LEU A 1 9  ? -4.799  -3.844 1.403   1.00 0.00 ? 9  LEU A HG   5 
ATOM   1008 H HD11 . LEU A 1 9  ? -5.909  -3.174 -1.331  1.00 0.00 ? 9  LEU A HD11 5 
ATOM   1009 H HD12 . LEU A 1 9  ? -6.103  -2.101 0.054   1.00 0.00 ? 9  LEU A HD12 5 
ATOM   1010 H HD13 . LEU A 1 9  ? -6.792  -3.724 0.093   1.00 0.00 ? 9  LEU A HD13 5 
ATOM   1011 H HD21 . LEU A 1 9  ? -4.124  -4.797 -1.399  1.00 0.00 ? 9  LEU A HD21 5 
ATOM   1012 H HD22 . LEU A 1 9  ? -5.101  -5.687 -0.232  1.00 0.00 ? 9  LEU A HD22 5 
ATOM   1013 H HD23 . LEU A 1 9  ? -3.395  -5.383 0.096   1.00 0.00 ? 9  LEU A HD23 5 
ATOM   1014 N N    . VAL A 1 10 ? -1.639  -2.429 2.680   1.00 0.00 ? 10 VAL A N    5 
ATOM   1015 C CA   . VAL A 1 10 ? -1.011  -3.083 3.822   1.00 0.00 ? 10 VAL A CA   5 
ATOM   1016 C C    . VAL A 1 10 ? -1.225  -2.263 5.090   1.00 0.00 ? 10 VAL A C    5 
ATOM   1017 O O    . VAL A 1 10 ? -1.187  -2.794 6.199   1.00 0.00 ? 10 VAL A O    5 
ATOM   1018 C CB   . VAL A 1 10 ? 0.488   -3.252 3.569   1.00 0.00 ? 10 VAL A CB   5 
ATOM   1019 C CG1  . VAL A 1 10 ? 1.091   -4.155 4.647   1.00 0.00 ? 10 VAL A CG1  5 
ATOM   1020 C CG2  . VAL A 1 10 ? 0.705   -3.888 2.194   1.00 0.00 ? 10 VAL A CG2  5 
ATOM   1021 H H    . VAL A 1 10 ? -1.077  -2.015 1.993   1.00 0.00 ? 10 VAL A H    5 
ATOM   1022 H HA   . VAL A 1 10 ? -1.454  -4.058 3.957   1.00 0.00 ? 10 VAL A HA   5 
ATOM   1023 H HB   . VAL A 1 10 ? 0.969   -2.285 3.601   1.00 0.00 ? 10 VAL A HB   5 
ATOM   1024 H HG11 . VAL A 1 10 ? 2.150   -4.272 4.468   1.00 0.00 ? 10 VAL A HG11 5 
ATOM   1025 H HG12 . VAL A 1 10 ? 0.612   -5.123 4.616   1.00 0.00 ? 10 VAL A HG12 5 
ATOM   1026 H HG13 . VAL A 1 10 ? 0.937   -3.708 5.618   1.00 0.00 ? 10 VAL A HG13 5 
ATOM   1027 H HG21 . VAL A 1 10 ? 0.232   -4.859 2.168   1.00 0.00 ? 10 VAL A HG21 5 
ATOM   1028 H HG22 . VAL A 1 10 ? 1.763   -3.997 2.010   1.00 0.00 ? 10 VAL A HG22 5 
ATOM   1029 H HG23 . VAL A 1 10 ? 0.270   -3.256 1.433   1.00 0.00 ? 10 VAL A HG23 5 
ATOM   1030 N N    . SER A 1 11 ? -1.451  -0.964 4.915   1.00 0.00 ? 11 SER A N    5 
ATOM   1031 C CA   . SER A 1 11 ? -1.671  -0.076 6.052   1.00 0.00 ? 11 SER A CA   5 
ATOM   1032 C C    . SER A 1 11 ? -3.109  -0.189 6.548   1.00 0.00 ? 11 SER A C    5 
ATOM   1033 O O    . SER A 1 11 ? -3.376  -0.052 7.742   1.00 0.00 ? 11 SER A O    5 
ATOM   1034 C CB   . SER A 1 11 ? -1.380  1.369  5.647   1.00 0.00 ? 11 SER A CB   5 
ATOM   1035 O OG   . SER A 1 11 ? -2.041  2.251  6.545   1.00 0.00 ? 11 SER A OG   5 
ATOM   1036 H H    . SER A 1 11 ? -1.470  -0.597 4.007   1.00 0.00 ? 11 SER A H    5 
ATOM   1037 H HA   . SER A 1 11 ? -1.001  -0.356 6.850   1.00 0.00 ? 11 SER A HA   5 
ATOM   1038 H HB2  . SER A 1 11 ? -0.319  1.552  5.688   1.00 0.00 ? 11 SER A HB2  5 
ATOM   1039 H HB3  . SER A 1 11 ? -1.734  1.537  4.637   1.00 0.00 ? 11 SER A HB3  5 
ATOM   1040 H HG   . SER A 1 11 ? -2.922  2.420  6.201   1.00 0.00 ? 11 SER A HG   5 
ATOM   1041 N N    . ASP A 1 12 ? -4.028  -0.439 5.623   1.00 0.00 ? 12 ASP A N    5 
ATOM   1042 C CA   . ASP A 1 12 ? -5.437  -0.569 5.975   1.00 0.00 ? 12 ASP A CA   5 
ATOM   1043 C C    . ASP A 1 12 ? -5.629  -1.650 7.033   1.00 0.00 ? 12 ASP A C    5 
ATOM   1044 O O    . ASP A 1 12 ? -6.224  -1.407 8.083   1.00 0.00 ? 12 ASP A O    5 
ATOM   1045 C CB   . ASP A 1 12 ? -6.256  -0.917 4.732   1.00 0.00 ? 12 ASP A CB   5 
ATOM   1046 C CG   . ASP A 1 12 ? -6.325  0.288  3.798   1.00 0.00 ? 12 ASP A CG   5 
ATOM   1047 O OD1  . ASP A 1 12 ? -5.453  1.136  3.894   1.00 0.00 ? 12 ASP A OD1  5 
ATOM   1048 O OD2  . ASP A 1 12 ? -7.247  0.344  3.001   1.00 0.00 ? 12 ASP A OD2  5 
ATOM   1049 H H    . ASP A 1 12 ? -3.755  -0.538 4.688   1.00 0.00 ? 12 ASP A H    5 
ATOM   1050 H HA   . ASP A 1 12 ? -5.788  0.373  6.370   1.00 0.00 ? 12 ASP A HA   5 
ATOM   1051 H HB2  . ASP A 1 12 ? -5.790  -1.745 4.216   1.00 0.00 ? 12 ASP A HB2  5 
ATOM   1052 H HB3  . ASP A 1 12 ? -7.256  -1.197 5.027   1.00 0.00 ? 12 ASP A HB3  5 
ATOM   1053 N N    . PHE A 1 13 ? -5.120  -2.847 6.750   1.00 0.00 ? 13 PHE A N    5 
ATOM   1054 C CA   . PHE A 1 13 ? -5.234  -3.962 7.673   1.00 0.00 ? 13 PHE A CA   5 
ATOM   1055 C C    . PHE A 1 13 ? -3.893  -4.235 8.351   1.00 0.00 ? 13 PHE A C    5 
ATOM   1056 O O    . PHE A 1 13 ? -3.847  -4.820 9.433   1.00 0.00 ? 13 PHE A O    5 
ATOM   1057 C CB   . PHE A 1 13 ? -5.715  -5.195 6.895   1.00 0.00 ? 13 PHE A CB   5 
ATOM   1058 C CG   . PHE A 1 13 ? -4.649  -6.256 6.926   1.00 0.00 ? 13 PHE A CG   5 
ATOM   1059 C CD1  . PHE A 1 13 ? -4.485  -7.059 8.058   1.00 0.00 ? 13 PHE A CD1  5 
ATOM   1060 C CD2  . PHE A 1 13 ? -3.808  -6.417 5.820   1.00 0.00 ? 13 PHE A CD2  5 
ATOM   1061 C CE1  . PHE A 1 13 ? -3.479  -8.027 8.082   1.00 0.00 ? 13 PHE A CE1  5 
ATOM   1062 C CE2  . PHE A 1 13 ? -2.800  -7.379 5.845   1.00 0.00 ? 13 PHE A CE2  5 
ATOM   1063 C CZ   . PHE A 1 13 ? -2.636  -8.185 6.974   1.00 0.00 ? 13 PHE A CZ   5 
ATOM   1064 H H    . PHE A 1 13 ? -4.654  -2.989 5.899   1.00 0.00 ? 13 PHE A H    5 
ATOM   1065 H HA   . PHE A 1 13 ? -5.966  -3.721 8.430   1.00 0.00 ? 13 PHE A HA   5 
ATOM   1066 H HB2  . PHE A 1 13 ? -6.617  -5.578 7.346   1.00 0.00 ? 13 PHE A HB2  5 
ATOM   1067 H HB3  . PHE A 1 13 ? -5.917  -4.919 5.871   1.00 0.00 ? 13 PHE A HB3  5 
ATOM   1068 H HD1  . PHE A 1 13 ? -5.137  -6.934 8.909   1.00 0.00 ? 13 PHE A HD1  5 
ATOM   1069 H HD2  . PHE A 1 13 ? -3.939  -5.795 4.948   1.00 0.00 ? 13 PHE A HD2  5 
ATOM   1070 H HE1  . PHE A 1 13 ? -3.349  -8.650 8.953   1.00 0.00 ? 13 PHE A HE1  5 
ATOM   1071 H HE2  . PHE A 1 13 ? -2.152  -7.503 4.991   1.00 0.00 ? 13 PHE A HE2  5 
ATOM   1072 H HZ   . PHE A 1 13 ? -1.857  -8.923 6.992   1.00 0.00 ? 13 PHE A HZ   5 
HETATM 1073 N N    . NH2 A 1 14 ? -2.790  -3.841 7.773   1.00 0.00 ? 14 NH2 A N    5 
HETATM 1074 H HN1  . NH2 A 1 14 ? -2.828  -3.376 6.913   1.00 0.00 ? 14 NH2 A HN1  5 
HETATM 1075 H HN2  . NH2 A 1 14 ? -1.925  -4.012 8.201   1.00 0.00 ? 14 NH2 A HN2  5 
# 
